data_9PB1
#
_entry.id   9PB1
#
_cell.length_a   1.00
_cell.length_b   1.00
_cell.length_c   1.00
_cell.angle_alpha   90.00
_cell.angle_beta   90.00
_cell.angle_gamma   90.00
#
_symmetry.space_group_name_H-M   'P 1'
#
_entity_poly.entity_id   1
_entity_poly.type   'polypeptide(L)'
_entity_poly.pdbx_seq_one_letter_code
;LIPIVVEQTGRGERAYDIYSRLLRERIVCVMGPIDDSVASLVIAQLLFLQSESNKKPIHMYINSPGGVVTAGLAIYDTMQ
YILNPICTWCVGQAASMGSLLLAAGTPGMRHSLPNSRIMIHQPSGGARGQATDIAIQAEEIMKLKKQLYNIYAKHTKQSL
QVIESAMERDRYMSPMEAQEFGILDKVLVHPPQDGEDEPTLVQKEPVEAAPAAEPVPAST
;
_entity_poly.pdbx_strand_id   H,I,J,K,L,M,N
#
# COMPACT_ATOMS: atom_id res chain seq x y z
N TYR A 16 12.85 -11.08 10.82
CA TYR A 16 13.61 -11.42 9.63
C TYR A 16 12.70 -11.91 8.51
N ASP A 17 12.67 -11.17 7.42
CA ASP A 17 12.26 -11.72 6.14
C ASP A 17 13.30 -12.74 5.68
N ILE A 18 12.86 -13.75 4.93
CA ILE A 18 13.80 -14.80 4.56
C ILE A 18 14.95 -14.24 3.75
N TYR A 19 14.70 -13.18 2.98
CA TYR A 19 15.78 -12.51 2.25
C TYR A 19 16.79 -11.91 3.21
N SER A 20 16.31 -11.35 4.32
CA SER A 20 17.19 -10.80 5.34
C SER A 20 17.94 -11.89 6.09
N ARG A 21 17.27 -13.00 6.38
CA ARG A 21 17.94 -14.14 6.98
C ARG A 21 19.06 -14.66 6.08
N LEU A 22 18.79 -14.74 4.77
CA LEU A 22 19.80 -15.16 3.82
C LEU A 22 20.97 -14.18 3.76
N LEU A 23 20.68 -12.88 3.78
CA LEU A 23 21.73 -11.87 3.73
C LEU A 23 22.70 -12.00 4.89
N ARG A 24 22.21 -12.39 6.06
CA ARG A 24 23.09 -12.66 7.18
C ARG A 24 24.11 -13.74 6.86
N GLU A 25 23.75 -14.71 6.03
CA GLU A 25 24.71 -15.70 5.54
C GLU A 25 25.37 -15.26 4.24
N ARG A 26 25.32 -13.96 3.93
CA ARG A 26 26.05 -13.36 2.82
C ARG A 26 25.59 -13.91 1.47
N ILE A 27 24.31 -14.22 1.36
CA ILE A 27 23.70 -14.65 0.11
C ILE A 27 22.89 -13.48 -0.45
N VAL A 28 23.28 -13.00 -1.61
CA VAL A 28 22.60 -11.90 -2.29
C VAL A 28 21.88 -12.48 -3.50
N CYS A 29 20.57 -12.36 -3.52
CA CYS A 29 19.79 -12.77 -4.67
C CYS A 29 19.88 -11.72 -5.75
N VAL A 30 20.02 -12.16 -6.99
CA VAL A 30 19.56 -11.40 -8.15
C VAL A 30 18.60 -12.25 -8.95
N MET A 31 17.32 -11.90 -8.89
CA MET A 31 16.27 -12.64 -9.58
C MET A 31 15.26 -11.65 -10.13
N GLY A 32 14.70 -11.98 -11.28
CA GLY A 32 13.91 -11.04 -12.05
C GLY A 32 14.74 -10.03 -12.80
N PRO A 33 14.12 -9.38 -13.78
CA PRO A 33 14.86 -8.50 -14.68
C PRO A 33 15.65 -7.46 -13.92
N ILE A 34 16.91 -7.28 -14.31
CA ILE A 34 17.75 -6.31 -13.63
C ILE A 34 17.32 -4.93 -14.10
N ASP A 35 16.79 -4.16 -13.18
CA ASP A 35 16.49 -2.77 -13.39
C ASP A 35 17.32 -1.94 -12.44
N ASP A 36 17.12 -0.62 -12.49
CA ASP A 36 17.87 0.25 -11.61
C ASP A 36 17.55 0.01 -10.14
N SER A 37 16.34 -0.43 -9.83
CA SER A 37 15.98 -0.66 -8.43
C SER A 37 16.66 -1.90 -7.87
N VAL A 38 16.67 -2.99 -8.62
CA VAL A 38 17.38 -4.19 -8.18
C VAL A 38 18.86 -3.90 -8.01
N ALA A 39 19.43 -3.09 -8.90
CA ALA A 39 20.81 -2.69 -8.76
C ALA A 39 21.04 -1.92 -7.47
N SER A 40 20.13 -1.01 -7.12
CA SER A 40 20.27 -0.28 -5.87
C SER A 40 20.34 -1.22 -4.68
N LEU A 41 19.41 -2.18 -4.61
CA LEU A 41 19.43 -3.13 -3.51
C LEU A 41 20.67 -4.01 -3.52
N VAL A 42 21.08 -4.49 -4.69
CA VAL A 42 22.25 -5.36 -4.76
C VAL A 42 23.52 -4.61 -4.39
N ILE A 43 23.68 -3.39 -4.89
CA ILE A 43 24.84 -2.58 -4.53
C ILE A 43 24.85 -2.29 -3.04
N ALA A 44 23.68 -1.94 -2.49
CA ALA A 44 23.58 -1.64 -1.06
C ALA A 44 23.96 -2.82 -0.20
N GLN A 45 23.43 -3.99 -0.50
CA GLN A 45 23.80 -5.21 0.21
C GLN A 45 25.29 -5.51 0.10
N LEU A 46 25.83 -5.44 -1.12
CA LEU A 46 27.25 -5.67 -1.34
C LEU A 46 28.13 -4.73 -0.54
N LEU A 47 27.83 -3.43 -0.59
CA LEU A 47 28.65 -2.48 0.13
C LEU A 47 28.58 -2.76 1.62
N PHE A 48 27.40 -3.16 2.08
CA PHE A 48 27.16 -3.42 3.49
C PHE A 48 27.86 -4.70 3.89
N LEU A 49 27.86 -5.69 3.00
CA LEU A 49 28.57 -6.93 3.22
C LEU A 49 30.07 -6.75 3.18
N GLN A 50 30.58 -5.84 2.36
CA GLN A 50 32.01 -5.54 2.45
C GLN A 50 32.36 -4.91 3.78
N SER A 51 31.57 -3.94 4.23
CA SER A 51 31.88 -3.31 5.49
C SER A 51 31.63 -4.24 6.66
N GLU A 52 30.74 -5.21 6.51
CA GLU A 52 30.64 -6.26 7.51
C GLU A 52 31.89 -7.12 7.53
N SER A 53 32.45 -7.44 6.38
CA SER A 53 33.75 -8.11 6.36
C SER A 53 34.44 -7.90 5.03
N ASN A 54 35.69 -7.48 5.09
CA ASN A 54 36.56 -7.36 3.94
C ASN A 54 37.28 -8.66 3.60
N LYS A 55 36.82 -9.77 4.15
CA LYS A 55 37.52 -11.03 3.99
C LYS A 55 36.61 -12.17 3.51
N LYS A 56 35.47 -12.28 4.16
CA LYS A 56 34.58 -13.39 3.94
C LYS A 56 34.02 -13.39 2.52
N PRO A 57 33.67 -14.55 1.98
CA PRO A 57 33.04 -14.60 0.67
C PRO A 57 31.63 -14.06 0.71
N ILE A 58 31.11 -13.80 -0.47
CA ILE A 58 29.71 -13.50 -0.66
C ILE A 58 29.18 -14.47 -1.71
N HIS A 59 27.99 -14.98 -1.49
CA HIS A 59 27.31 -15.81 -2.47
C HIS A 59 26.25 -14.99 -3.19
N MET A 60 26.20 -15.10 -4.51
CA MET A 60 25.20 -14.43 -5.31
C MET A 60 24.44 -15.44 -6.16
N TYR A 61 23.12 -15.39 -6.11
CA TYR A 61 22.28 -16.32 -6.86
C TYR A 61 21.66 -15.59 -8.04
N ILE A 62 21.88 -16.11 -9.24
CA ILE A 62 21.46 -15.44 -10.47
C ILE A 62 20.29 -16.21 -11.05
N ASN A 63 19.16 -15.53 -11.22
CA ASN A 63 18.08 -16.03 -12.02
C ASN A 63 17.51 -14.84 -12.79
N SER A 64 18.25 -14.37 -13.77
CA SER A 64 17.93 -13.12 -14.44
C SER A 64 17.52 -13.35 -15.88
N PRO A 65 16.31 -12.98 -16.27
CA PRO A 65 15.90 -13.13 -17.67
C PRO A 65 16.44 -12.05 -18.57
N GLY A 66 17.02 -11.00 -18.00
CA GLY A 66 17.47 -9.87 -18.77
C GLY A 66 17.87 -8.75 -17.83
N GLY A 67 18.30 -7.65 -18.42
CA GLY A 67 18.63 -6.51 -17.61
C GLY A 67 19.04 -5.34 -18.47
N VAL A 68 18.95 -4.15 -17.86
CA VAL A 68 19.44 -2.94 -18.49
C VAL A 68 20.95 -2.99 -18.54
N VAL A 69 21.51 -2.60 -19.69
CA VAL A 69 22.95 -2.67 -19.85
C VAL A 69 23.65 -1.77 -18.84
N THR A 70 23.15 -0.56 -18.65
CA THR A 70 23.83 0.32 -17.71
C THR A 70 23.59 -0.08 -16.27
N ALA A 71 22.46 -0.74 -15.99
CA ALA A 71 22.24 -1.29 -14.65
C ALA A 71 23.15 -2.47 -14.40
N GLY A 72 23.16 -3.42 -15.31
CA GLY A 72 24.03 -4.58 -15.17
C GLY A 72 25.50 -4.24 -15.20
N LEU A 73 25.88 -3.20 -15.95
CA LEU A 73 27.25 -2.72 -15.90
C LEU A 73 27.61 -2.11 -14.55
N ALA A 74 26.69 -1.41 -13.91
CA ALA A 74 26.95 -0.94 -12.55
C ALA A 74 27.22 -2.06 -11.57
N ILE A 75 26.47 -3.16 -11.64
CA ILE A 75 26.75 -4.28 -10.75
C ILE A 75 28.05 -4.97 -11.11
N TYR A 76 28.35 -5.15 -12.39
CA TYR A 76 29.64 -5.70 -12.78
C TYR A 76 30.80 -4.86 -12.26
N ASP A 77 30.74 -3.56 -12.44
CA ASP A 77 31.73 -2.69 -11.81
C ASP A 77 31.84 -2.91 -10.31
N THR A 78 30.71 -2.89 -9.60
CA THR A 78 30.77 -3.00 -8.15
C THR A 78 31.41 -4.32 -7.71
N MET A 79 31.11 -5.40 -8.42
CA MET A 79 31.69 -6.70 -8.06
C MET A 79 33.18 -6.73 -8.32
N GLN A 80 33.62 -6.24 -9.46
CA GLN A 80 35.05 -6.21 -9.73
C GLN A 80 35.78 -5.25 -8.81
N TYR A 81 35.14 -4.18 -8.37
CA TYR A 81 35.83 -3.18 -7.58
C TYR A 81 35.52 -3.31 -6.10
N ILE A 82 35.27 -4.54 -5.65
CA ILE A 82 35.09 -4.93 -4.25
C ILE A 82 36.07 -6.05 -3.95
N LEU A 83 36.54 -6.09 -2.70
CA LEU A 83 37.61 -6.99 -2.31
C LEU A 83 37.12 -8.35 -1.77
N ASN A 84 35.83 -8.60 -1.72
CA ASN A 84 35.36 -9.95 -1.38
C ASN A 84 35.45 -10.93 -2.54
N PRO A 85 35.74 -12.21 -2.26
CA PRO A 85 35.43 -13.29 -3.21
C PRO A 85 33.93 -13.48 -3.42
N ILE A 86 33.49 -13.40 -4.68
CA ILE A 86 32.09 -13.54 -5.07
C ILE A 86 31.85 -14.85 -5.80
N CYS A 87 31.12 -15.76 -5.17
CA CYS A 87 30.67 -17.01 -5.79
C CYS A 87 29.31 -16.79 -6.45
N THR A 88 29.19 -17.11 -7.74
CA THR A 88 27.96 -16.91 -8.47
C THR A 88 27.32 -18.24 -8.82
N TRP A 89 26.02 -18.36 -8.58
CA TRP A 89 25.27 -19.59 -8.80
C TRP A 89 24.18 -19.32 -9.82
N CYS A 90 24.12 -20.13 -10.87
CA CYS A 90 23.04 -20.04 -11.84
C CYS A 90 21.90 -20.98 -11.47
N VAL A 91 20.81 -20.41 -11.01
CA VAL A 91 19.61 -21.14 -10.67
C VAL A 91 18.57 -20.78 -11.72
N GLY A 92 18.12 -21.76 -12.50
CA GLY A 92 17.23 -21.47 -13.59
C GLY A 92 17.92 -20.87 -14.79
N GLN A 93 17.86 -19.56 -14.98
CA GLN A 93 18.44 -18.97 -16.16
C GLN A 93 19.24 -17.72 -15.82
N ALA A 94 20.35 -17.55 -16.52
CA ALA A 94 21.16 -16.33 -16.54
C ALA A 94 21.18 -15.86 -18.00
N ALA A 95 20.25 -14.99 -18.35
CA ALA A 95 20.28 -14.35 -19.65
C ALA A 95 21.41 -13.33 -19.71
N SER A 96 21.42 -12.57 -20.81
CA SER A 96 22.60 -11.84 -21.25
C SER A 96 23.28 -11.05 -20.13
N MET A 97 22.55 -10.17 -19.48
CA MET A 97 23.14 -9.41 -18.38
C MET A 97 23.51 -10.30 -17.19
N GLY A 98 22.71 -11.33 -16.91
CA GLY A 98 23.05 -12.24 -15.84
C GLY A 98 24.25 -13.11 -16.12
N SER A 99 24.47 -13.46 -17.38
CA SER A 99 25.61 -14.29 -17.76
C SER A 99 26.92 -13.56 -17.58
N LEU A 100 26.94 -12.28 -17.92
CA LEU A 100 28.05 -11.42 -17.50
C LEU A 100 28.27 -11.49 -15.99
N LEU A 101 27.24 -11.25 -15.18
CA LEU A 101 27.45 -11.22 -13.74
C LEU A 101 27.90 -12.58 -13.23
N LEU A 102 27.36 -13.65 -13.81
CA LEU A 102 27.83 -14.99 -13.48
C LEU A 102 29.32 -15.12 -13.81
N ALA A 103 29.69 -14.76 -15.03
CA ALA A 103 31.07 -14.92 -15.48
C ALA A 103 32.02 -13.97 -14.79
N ALA A 104 31.52 -12.97 -14.07
CA ALA A 104 32.33 -12.02 -13.32
C ALA A 104 32.65 -12.46 -11.90
N GLY A 105 32.00 -13.51 -11.41
CA GLY A 105 32.37 -14.07 -10.13
C GLY A 105 33.80 -14.56 -10.11
N THR A 106 34.33 -14.72 -8.90
CA THR A 106 35.75 -14.97 -8.73
C THR A 106 36.15 -16.27 -9.44
N PRO A 107 37.24 -16.26 -10.20
CA PRO A 107 37.56 -17.41 -11.06
C PRO A 107 37.81 -18.66 -10.24
N GLY A 108 37.15 -19.75 -10.64
CA GLY A 108 37.20 -21.02 -9.94
C GLY A 108 35.95 -21.32 -9.15
N MET A 109 35.15 -20.31 -8.86
CA MET A 109 34.00 -20.42 -7.97
C MET A 109 32.71 -19.96 -8.65
N ARG A 110 32.51 -20.35 -9.88
CA ARG A 110 31.30 -20.00 -10.62
C ARG A 110 30.52 -21.30 -10.82
N HIS A 111 29.55 -21.58 -9.95
CA HIS A 111 28.84 -22.85 -10.04
C HIS A 111 27.50 -22.67 -10.74
N SER A 112 26.96 -23.78 -11.25
CA SER A 112 25.65 -23.76 -11.88
C SER A 112 24.96 -25.10 -11.69
N LEU A 113 23.63 -25.05 -11.60
CA LEU A 113 22.83 -26.22 -11.35
C LEU A 113 22.54 -26.98 -12.65
N PRO A 114 22.25 -28.27 -12.56
CA PRO A 114 22.29 -29.12 -13.76
C PRO A 114 21.39 -28.73 -14.91
N ASN A 115 20.16 -28.29 -14.65
CA ASN A 115 19.24 -27.94 -15.74
C ASN A 115 19.23 -26.47 -16.09
N SER A 116 20.24 -25.72 -15.66
CA SER A 116 20.33 -24.29 -15.93
C SER A 116 20.29 -23.99 -17.42
N ARG A 117 19.95 -22.74 -17.74
CA ARG A 117 20.05 -22.21 -19.09
C ARG A 117 20.83 -20.91 -19.09
N ILE A 118 21.88 -20.86 -19.89
CA ILE A 118 22.71 -19.66 -20.05
C ILE A 118 22.51 -19.13 -21.46
N MET A 119 22.31 -17.82 -21.58
CA MET A 119 22.40 -17.16 -22.87
C MET A 119 23.30 -15.95 -22.76
N ILE A 120 24.28 -15.85 -23.65
CA ILE A 120 25.14 -14.67 -23.72
C ILE A 120 24.55 -13.58 -24.60
N HIS A 121 23.97 -13.96 -25.73
CA HIS A 121 23.49 -12.99 -26.70
C HIS A 121 22.52 -11.97 -26.14
N GLN A 122 22.71 -10.71 -26.51
CA GLN A 122 21.77 -9.63 -26.21
C GLN A 122 20.55 -9.61 -27.11
N ALA A 138 21.36 3.93 -32.16
CA ALA A 138 22.39 4.96 -32.26
C ALA A 138 23.78 4.36 -32.06
N GLU A 139 24.77 5.21 -31.87
CA GLU A 139 26.15 4.75 -31.85
C GLU A 139 26.68 4.48 -30.46
N GLU A 140 26.23 5.20 -29.44
CA GLU A 140 26.78 4.99 -28.11
C GLU A 140 26.47 3.59 -27.62
N ILE A 141 25.38 3.02 -28.09
CA ILE A 141 25.06 1.63 -27.79
C ILE A 141 26.11 0.69 -28.37
N MET A 142 26.62 1.01 -29.56
CA MET A 142 27.66 0.17 -30.12
C MET A 142 28.94 0.30 -29.31
N LYS A 143 29.24 1.51 -28.83
CA LYS A 143 30.41 1.70 -27.99
C LYS A 143 30.29 0.94 -26.68
N LEU A 144 29.11 0.96 -26.04
CA LEU A 144 28.92 0.19 -24.82
C LEU A 144 28.95 -1.29 -25.13
N LYS A 145 28.38 -1.67 -26.28
CA LYS A 145 28.42 -3.05 -26.73
C LYS A 145 29.84 -3.50 -27.02
N LYS A 146 30.67 -2.58 -27.49
CA LYS A 146 32.09 -2.86 -27.64
C LYS A 146 32.74 -3.13 -26.28
N GLN A 147 32.40 -2.35 -25.26
CA GLN A 147 32.89 -2.62 -23.92
C GLN A 147 32.49 -4.01 -23.43
N LEU A 148 31.24 -4.42 -23.69
CA LEU A 148 30.80 -5.76 -23.31
C LEU A 148 31.63 -6.84 -23.99
N TYR A 149 31.94 -6.65 -25.25
CA TYR A 149 32.80 -7.63 -25.94
C TYR A 149 34.12 -7.75 -25.21
N ASN A 150 34.72 -6.61 -24.86
CA ASN A 150 36.01 -6.64 -24.20
C ASN A 150 35.93 -7.32 -22.83
N ILE A 151 34.91 -6.99 -22.03
CA ILE A 151 34.84 -7.57 -20.68
C ILE A 151 34.53 -9.06 -20.74
N TYR A 152 33.68 -9.48 -21.69
CA TYR A 152 33.43 -10.90 -21.87
C TYR A 152 34.70 -11.65 -22.25
N ALA A 153 35.51 -11.06 -23.13
CA ALA A 153 36.76 -11.71 -23.51
C ALA A 153 37.71 -11.89 -22.34
N LYS A 154 37.81 -10.88 -21.49
CA LYS A 154 38.67 -10.99 -20.31
C LYS A 154 38.21 -12.12 -19.40
N HIS A 155 36.95 -12.12 -19.04
CA HIS A 155 36.51 -13.07 -18.01
C HIS A 155 36.39 -14.50 -18.53
N THR A 156 35.92 -14.70 -19.75
CA THR A 156 35.82 -16.06 -20.25
C THR A 156 37.13 -16.56 -20.85
N LYS A 157 38.10 -15.68 -21.01
CA LYS A 157 39.38 -16.00 -21.64
C LYS A 157 39.24 -16.59 -23.04
N GLN A 158 38.27 -16.10 -23.79
CA GLN A 158 38.30 -16.26 -25.23
C GLN A 158 38.83 -14.98 -25.83
N SER A 159 39.23 -15.06 -27.10
CA SER A 159 39.66 -13.86 -27.79
C SER A 159 38.45 -13.01 -28.12
N LEU A 160 38.69 -11.89 -28.81
CA LEU A 160 37.60 -11.02 -29.21
C LEU A 160 36.75 -11.67 -30.30
N GLN A 161 37.41 -12.23 -31.32
CA GLN A 161 36.68 -12.72 -32.47
C GLN A 161 35.82 -13.94 -32.11
N VAL A 162 36.31 -14.79 -31.22
CA VAL A 162 35.49 -15.94 -30.81
C VAL A 162 34.17 -15.46 -30.24
N ILE A 163 34.23 -14.52 -29.31
CA ILE A 163 33.05 -13.95 -28.67
C ILE A 163 32.24 -13.12 -29.64
N GLU A 164 32.88 -12.43 -30.58
CA GLU A 164 32.13 -11.70 -31.59
C GLU A 164 31.12 -12.61 -32.28
N SER A 165 31.52 -13.82 -32.61
CA SER A 165 30.57 -14.76 -33.21
C SER A 165 29.59 -15.31 -32.18
N ALA A 166 30.06 -15.63 -30.97
CA ALA A 166 29.22 -16.29 -29.98
C ALA A 166 28.21 -15.34 -29.33
N MET A 167 28.48 -14.04 -29.34
CA MET A 167 27.44 -13.07 -29.02
C MET A 167 26.41 -12.97 -30.13
N GLU A 168 26.84 -13.15 -31.38
CA GLU A 168 25.92 -12.99 -32.49
C GLU A 168 24.87 -14.11 -32.54
N ARG A 169 25.25 -15.33 -32.20
CA ARG A 169 24.30 -16.43 -32.22
C ARG A 169 23.31 -16.30 -31.08
N ASP A 170 22.06 -16.01 -31.43
CA ASP A 170 20.93 -15.91 -30.50
C ASP A 170 20.51 -17.32 -30.09
N ARG A 171 21.27 -17.92 -29.19
CA ARG A 171 20.86 -19.22 -28.67
C ARG A 171 21.18 -19.30 -27.19
N TYR A 172 20.31 -19.99 -26.47
CA TYR A 172 20.67 -20.52 -25.17
C TYR A 172 21.64 -21.69 -25.31
N MET A 173 22.35 -21.95 -24.22
CA MET A 173 23.23 -23.10 -24.15
C MET A 173 23.07 -23.77 -22.78
N SER A 174 23.29 -25.07 -22.77
CA SER A 174 23.34 -25.86 -21.54
C SER A 174 24.60 -25.57 -20.75
N PRO A 175 24.60 -25.85 -19.44
CA PRO A 175 25.77 -25.51 -18.62
C PRO A 175 26.98 -26.35 -18.95
N MET A 176 26.79 -27.53 -19.54
CA MET A 176 27.95 -28.32 -19.94
C MET A 176 28.72 -27.64 -21.06
N GLU A 177 28.02 -27.07 -22.03
CA GLU A 177 28.70 -26.29 -23.04
C GLU A 177 29.30 -25.01 -22.47
N ALA A 178 28.63 -24.40 -21.48
CA ALA A 178 29.17 -23.20 -20.87
C ALA A 178 30.40 -23.47 -20.01
N GLN A 179 30.54 -24.68 -19.48
CA GLN A 179 31.77 -25.01 -18.77
C GLN A 179 32.95 -25.09 -19.71
N GLU A 180 32.71 -25.62 -20.91
CA GLU A 180 33.73 -25.66 -21.94
C GLU A 180 33.96 -24.30 -22.59
N PHE A 181 32.89 -23.53 -22.81
CA PHE A 181 33.06 -22.20 -23.39
C PHE A 181 33.91 -21.33 -22.48
N GLY A 182 33.87 -21.59 -21.19
CA GLY A 182 34.70 -20.89 -20.22
C GLY A 182 33.95 -20.06 -19.20
N ILE A 183 32.63 -19.96 -19.27
CA ILE A 183 31.90 -19.14 -18.30
C ILE A 183 31.90 -19.77 -16.92
N LEU A 184 31.46 -21.02 -16.82
CA LEU A 184 31.36 -21.71 -15.56
C LEU A 184 32.64 -22.44 -15.22
N ASP A 185 32.78 -22.77 -13.94
CA ASP A 185 33.87 -23.62 -13.50
C ASP A 185 33.45 -25.04 -13.21
N LYS A 186 32.40 -25.25 -12.42
CA LYS A 186 31.98 -26.61 -12.14
C LYS A 186 30.47 -26.67 -12.19
N VAL A 187 29.96 -27.53 -13.05
CA VAL A 187 28.53 -27.79 -13.13
C VAL A 187 28.18 -28.73 -12.00
N LEU A 188 27.34 -28.28 -11.09
CA LEU A 188 27.10 -28.99 -9.86
C LEU A 188 25.79 -29.74 -9.97
N VAL A 189 25.83 -31.03 -9.69
CA VAL A 189 24.63 -31.84 -9.73
C VAL A 189 24.23 -32.31 -8.33
N ILE B 2 12.21 -5.74 -0.17
CA ILE B 2 13.36 -4.96 0.22
C ILE B 2 13.98 -5.46 1.53
N PRO B 3 15.28 -5.71 1.51
CA PRO B 3 15.93 -6.38 2.64
C PRO B 3 15.82 -5.61 3.94
N ILE B 4 15.76 -6.34 5.03
CA ILE B 4 15.86 -5.73 6.34
C ILE B 4 17.17 -6.21 6.95
N VAL B 5 17.71 -5.42 7.86
CA VAL B 5 18.92 -5.78 8.59
C VAL B 5 18.71 -5.45 10.05
N VAL B 6 19.09 -6.36 10.94
CA VAL B 6 18.82 -6.17 12.36
C VAL B 6 20.13 -6.06 13.13
N ALA B 15 15.49 -2.46 14.03
CA ALA B 15 15.45 -3.03 12.69
C ALA B 15 15.60 -1.93 11.64
N TYR B 16 16.74 -1.92 10.95
CA TYR B 16 17.02 -0.92 9.95
C TYR B 16 16.71 -1.49 8.58
N ASP B 17 16.14 -0.68 7.73
CA ASP B 17 16.21 -0.96 6.32
C ASP B 17 17.67 -0.91 5.89
N ILE B 18 17.98 -1.58 4.79
CA ILE B 18 19.37 -1.63 4.33
C ILE B 18 19.92 -0.22 4.09
N TYR B 19 19.10 0.67 3.52
CA TYR B 19 19.51 2.05 3.35
C TYR B 19 19.73 2.75 4.67
N SER B 20 18.88 2.47 5.66
CA SER B 20 19.07 3.06 6.97
C SER B 20 20.36 2.59 7.61
N ARG B 21 20.78 1.37 7.32
CA ARG B 21 22.08 0.92 7.80
C ARG B 21 23.20 1.63 7.09
N LEU B 22 23.13 1.73 5.76
CA LEU B 22 24.19 2.42 5.04
C LEU B 22 24.29 3.87 5.44
N LEU B 23 23.17 4.50 5.79
CA LEU B 23 23.25 5.89 6.24
C LEU B 23 24.09 6.02 7.50
N ARG B 24 24.11 5.00 8.34
CA ARG B 24 25.03 4.98 9.48
C ARG B 24 26.48 4.91 9.03
N GLU B 25 26.77 4.13 8.00
CA GLU B 25 28.12 4.18 7.40
C GLU B 25 28.37 5.43 6.61
N ARG B 26 27.44 6.39 6.71
CA ARG B 26 27.55 7.68 6.04
C ARG B 26 27.57 7.54 4.52
N ILE B 27 26.58 6.84 3.99
CA ILE B 27 26.45 6.62 2.56
C ILE B 27 25.08 7.10 2.12
N VAL B 28 25.03 8.02 1.17
CA VAL B 28 23.78 8.54 0.62
C VAL B 28 23.63 7.99 -0.79
N CYS B 29 22.60 7.18 -1.00
CA CYS B 29 22.33 6.62 -2.32
C CYS B 29 21.45 7.55 -3.10
N VAL B 30 22.00 8.15 -4.14
CA VAL B 30 21.22 8.96 -5.05
C VAL B 30 21.08 8.11 -6.30
N MET B 31 19.92 7.50 -6.48
CA MET B 31 19.66 6.68 -7.66
C MET B 31 18.31 7.03 -8.23
N GLY B 32 18.16 6.81 -9.52
CA GLY B 32 16.92 7.11 -10.16
C GLY B 32 16.88 8.57 -10.53
N PRO B 33 15.78 9.01 -11.12
CA PRO B 33 15.68 10.40 -11.52
C PRO B 33 15.76 11.32 -10.32
N ILE B 34 16.40 12.46 -10.52
CA ILE B 34 16.44 13.49 -9.49
C ILE B 34 15.13 14.27 -9.53
N ASP B 35 14.30 14.06 -8.54
CA ASP B 35 13.02 14.74 -8.42
C ASP B 35 12.96 15.45 -7.07
N ASP B 36 11.85 16.13 -6.83
CA ASP B 36 11.69 16.86 -5.56
C ASP B 36 11.76 15.92 -4.37
N SER B 37 11.19 14.72 -4.49
CA SER B 37 11.25 13.78 -3.38
C SER B 37 12.67 13.28 -3.14
N VAL B 38 13.39 12.95 -4.20
CA VAL B 38 14.79 12.54 -4.03
C VAL B 38 15.60 13.69 -3.47
N ALA B 39 15.38 14.91 -3.96
CA ALA B 39 16.10 16.05 -3.40
C ALA B 39 15.71 16.30 -1.94
N SER B 40 14.42 16.23 -1.65
CA SER B 40 13.96 16.44 -0.28
C SER B 40 14.53 15.40 0.66
N LEU B 41 14.65 14.17 0.18
CA LEU B 41 15.19 13.11 1.01
C LEU B 41 16.70 13.22 1.16
N VAL B 42 17.41 13.55 0.07
CA VAL B 42 18.87 13.65 0.12
C VAL B 42 19.31 14.89 0.90
N ILE B 43 18.60 16.01 0.74
CA ILE B 43 18.93 17.20 1.52
C ILE B 43 18.79 16.92 3.00
N ALA B 44 17.70 16.27 3.38
CA ALA B 44 17.43 15.91 4.76
C ALA B 44 18.44 14.91 5.31
N GLN B 45 18.80 13.92 4.51
CA GLN B 45 19.85 12.99 4.88
C GLN B 45 21.17 13.70 5.20
N LEU B 46 21.55 14.66 4.36
CA LEU B 46 22.81 15.36 4.52
C LEU B 46 22.80 16.23 5.78
N LEU B 47 21.69 16.90 6.05
CA LEU B 47 21.55 17.72 7.24
C LEU B 47 21.73 16.90 8.51
N PHE B 48 21.18 15.70 8.53
CA PHE B 48 21.42 14.76 9.60
C PHE B 48 22.90 14.39 9.71
N LEU B 49 23.48 13.94 8.61
CA LEU B 49 24.87 13.46 8.63
C LEU B 49 25.82 14.55 9.08
N GLN B 50 25.65 15.76 8.58
CA GLN B 50 26.46 16.86 9.05
C GLN B 50 26.21 17.22 10.51
N SER B 51 25.05 16.91 11.06
CA SER B 51 24.88 17.07 12.49
C SER B 51 25.56 16.00 13.32
N GLU B 52 25.88 14.85 12.74
CA GLU B 52 26.70 13.88 13.46
C GLU B 52 28.19 14.19 13.45
N SER B 53 28.65 15.07 12.58
CA SER B 53 30.07 15.37 12.54
C SER B 53 30.29 16.57 11.65
N ASN B 54 31.23 17.40 12.03
CA ASN B 54 31.69 18.48 11.18
C ASN B 54 32.80 18.06 10.24
N LYS B 55 33.35 16.85 10.42
CA LYS B 55 34.59 16.52 9.72
C LYS B 55 34.56 15.20 8.96
N LYS B 56 33.78 14.23 9.41
CA LYS B 56 33.81 12.93 8.75
C LYS B 56 33.32 12.98 7.32
N PRO B 57 34.13 12.56 6.34
CA PRO B 57 33.69 12.55 4.95
C PRO B 57 32.42 11.76 4.72
N ILE B 58 31.53 12.32 3.97
CA ILE B 58 30.32 11.63 3.52
C ILE B 58 30.61 10.96 2.19
N HIS B 59 30.02 9.81 1.94
CA HIS B 59 30.06 9.18 0.62
C HIS B 59 28.70 9.32 -0.06
N MET B 60 28.67 9.91 -1.25
CA MET B 60 27.46 9.94 -2.06
C MET B 60 27.66 9.09 -3.31
N TYR B 61 26.79 8.10 -3.52
CA TYR B 61 26.89 7.21 -4.66
C TYR B 61 25.82 7.58 -5.69
N ILE B 62 26.24 7.85 -6.92
CA ILE B 62 25.36 8.32 -7.98
C ILE B 62 25.13 7.21 -9.00
N ASN B 63 23.86 6.95 -9.33
CA ASN B 63 23.47 6.36 -10.61
C ASN B 63 22.15 7.01 -11.04
N SER B 64 22.23 8.07 -11.84
CA SER B 64 21.01 8.82 -12.12
C SER B 64 20.91 9.20 -13.59
N PRO B 65 19.73 9.06 -14.18
CA PRO B 65 19.56 9.42 -15.59
C PRO B 65 19.36 10.90 -15.83
N GLY B 66 19.17 11.70 -14.80
CA GLY B 66 18.93 13.12 -14.96
C GLY B 66 18.00 13.61 -13.87
N GLY B 67 17.16 14.57 -14.23
CA GLY B 67 16.14 15.02 -13.30
C GLY B 67 15.83 16.49 -13.50
N VAL B 68 15.05 17.01 -12.56
CA VAL B 68 14.62 18.40 -12.58
C VAL B 68 15.81 19.32 -12.30
N VAL B 69 15.93 20.39 -13.08
CA VAL B 69 17.08 21.27 -12.98
C VAL B 69 17.14 21.93 -11.61
N THR B 70 16.00 22.44 -11.15
CA THR B 70 15.91 23.03 -9.81
C THR B 70 16.17 22.02 -8.71
N ALA B 71 15.82 20.76 -8.92
CA ALA B 71 16.13 19.73 -7.92
C ALA B 71 17.63 19.49 -7.79
N GLY B 72 18.34 19.32 -8.90
CA GLY B 72 19.78 19.13 -8.80
C GLY B 72 20.49 20.33 -8.21
N LEU B 73 20.02 21.53 -8.52
CA LEU B 73 20.59 22.72 -7.91
C LEU B 73 20.38 22.74 -6.40
N ALA B 74 19.22 22.26 -5.93
CA ALA B 74 18.99 22.18 -4.50
C ALA B 74 20.00 21.29 -3.79
N ILE B 75 20.32 20.14 -4.36
CA ILE B 75 21.33 19.29 -3.73
C ILE B 75 22.70 19.94 -3.84
N TYR B 76 23.00 20.54 -4.99
CA TYR B 76 24.27 21.24 -5.18
C TYR B 76 24.47 22.33 -4.14
N ASP B 77 23.43 23.12 -3.89
CA ASP B 77 23.53 24.17 -2.88
C ASP B 77 23.87 23.62 -1.51
N THR B 78 23.15 22.57 -1.09
CA THR B 78 23.40 21.97 0.21
C THR B 78 24.73 21.27 0.28
N MET B 79 25.18 20.71 -0.84
CA MET B 79 26.52 20.14 -0.87
C MET B 79 27.58 21.19 -0.60
N GLN B 80 27.41 22.39 -1.14
CA GLN B 80 28.35 23.46 -0.85
C GLN B 80 28.28 23.92 0.60
N TYR B 81 27.07 24.07 1.15
CA TYR B 81 26.91 24.61 2.51
C TYR B 81 27.39 23.66 3.59
N ILE B 82 27.34 22.35 3.36
CA ILE B 82 27.82 21.41 4.35
C ILE B 82 29.33 21.51 4.47
N LEU B 83 29.81 21.50 5.70
CA LEU B 83 31.23 21.65 5.98
C LEU B 83 32.04 20.38 5.79
N ASN B 84 31.39 19.25 5.70
CA ASN B 84 32.10 17.99 5.63
C ASN B 84 32.72 17.78 4.26
N PRO B 85 33.83 17.06 4.17
CA PRO B 85 34.29 16.53 2.89
C PRO B 85 33.28 15.56 2.29
N ILE B 86 33.25 15.47 0.96
CA ILE B 86 32.28 14.62 0.28
C ILE B 86 32.88 13.80 -0.87
N CYS B 87 33.12 12.51 -0.64
CA CYS B 87 33.39 11.56 -1.73
C CYS B 87 32.16 11.36 -2.61
N THR B 88 32.31 11.52 -3.91
CA THR B 88 31.21 11.33 -4.86
C THR B 88 31.61 10.23 -5.84
N TRP B 89 30.96 9.10 -5.74
CA TRP B 89 31.31 7.92 -6.51
C TRP B 89 30.32 7.77 -7.64
N CYS B 90 30.78 7.28 -8.78
CA CYS B 90 29.87 7.11 -9.89
C CYS B 90 29.81 5.64 -10.25
N VAL B 91 28.63 5.06 -10.07
CA VAL B 91 28.34 3.70 -10.46
C VAL B 91 27.29 3.80 -11.54
N GLY B 92 27.49 3.07 -12.63
CA GLY B 92 26.61 3.24 -13.76
C GLY B 92 26.72 4.59 -14.39
N GLN B 93 25.69 5.42 -14.35
CA GLN B 93 25.71 6.64 -15.14
C GLN B 93 25.35 7.86 -14.33
N ALA B 94 25.97 8.98 -14.69
CA ALA B 94 25.69 10.31 -14.15
C ALA B 94 25.36 11.25 -15.29
N ALA B 95 24.10 11.24 -15.71
CA ALA B 95 23.64 12.07 -16.81
C ALA B 95 22.99 13.34 -16.31
N SER B 96 23.08 14.39 -17.14
CA SER B 96 22.47 15.69 -16.86
C SER B 96 22.80 16.23 -15.47
N MET B 97 21.77 16.45 -14.66
CA MET B 97 21.99 16.94 -13.30
C MET B 97 22.92 16.05 -12.49
N GLY B 98 22.95 14.75 -12.78
CA GLY B 98 23.89 13.89 -12.09
C GLY B 98 25.33 14.34 -12.24
N SER B 99 25.68 14.84 -13.42
CA SER B 99 27.05 15.29 -13.65
C SER B 99 27.40 16.51 -12.83
N LEU B 100 26.42 17.32 -12.50
CA LEU B 100 26.67 18.46 -11.62
C LEU B 100 26.89 17.99 -10.19
N LEU B 101 26.06 17.08 -9.70
CA LEU B 101 26.28 16.48 -8.40
C LEU B 101 27.58 15.69 -8.35
N LEU B 102 27.92 15.01 -9.44
CA LEU B 102 29.21 14.33 -9.54
C LEU B 102 30.38 15.29 -9.50
N ALA B 103 30.31 16.37 -10.28
CA ALA B 103 31.34 17.39 -10.24
C ALA B 103 31.41 18.09 -8.89
N ALA B 104 30.31 18.15 -8.15
CA ALA B 104 30.22 18.98 -6.98
C ALA B 104 30.91 18.44 -5.74
N GLY B 105 31.47 17.24 -5.78
CA GLY B 105 32.12 16.69 -4.60
C GLY B 105 33.34 17.50 -4.20
N THR B 106 33.95 17.12 -3.10
CA THR B 106 35.15 17.81 -2.67
C THR B 106 36.20 17.61 -3.75
N PRO B 107 36.66 18.68 -4.41
CA PRO B 107 37.60 18.49 -5.51
C PRO B 107 38.82 17.70 -5.06
N GLY B 108 39.28 16.84 -5.95
CA GLY B 108 40.35 15.92 -5.64
C GLY B 108 39.90 14.53 -5.25
N MET B 109 38.64 14.36 -4.85
CA MET B 109 38.18 13.04 -4.42
C MET B 109 36.82 12.68 -5.01
N ARG B 110 36.48 13.25 -6.16
CA ARG B 110 35.40 12.73 -6.99
C ARG B 110 35.85 11.44 -7.68
N HIS B 111 35.83 10.34 -6.91
CA HIS B 111 36.20 9.03 -7.43
C HIS B 111 35.20 8.53 -8.47
N SER B 112 35.61 7.52 -9.25
CA SER B 112 34.65 6.85 -10.13
C SER B 112 35.12 5.43 -10.44
N LEU B 113 34.19 4.64 -11.00
CA LEU B 113 34.34 3.26 -11.42
C LEU B 113 34.44 3.14 -12.93
N PRO B 114 35.39 2.30 -13.36
CA PRO B 114 35.84 2.27 -14.75
C PRO B 114 34.80 2.18 -15.85
N ASN B 115 33.68 1.50 -15.66
CA ASN B 115 32.73 1.34 -16.75
C ASN B 115 31.59 2.33 -16.72
N SER B 116 31.67 3.35 -15.89
CA SER B 116 30.62 4.35 -15.86
C SER B 116 30.51 5.08 -17.19
N ARG B 117 29.39 5.77 -17.34
CA ARG B 117 29.15 6.67 -18.46
C ARG B 117 28.64 7.99 -17.92
N ILE B 118 29.15 9.08 -18.47
CA ILE B 118 28.96 10.41 -17.91
C ILE B 118 28.45 11.31 -19.01
N MET B 119 27.54 12.22 -18.65
CA MET B 119 27.04 13.13 -19.67
C MET B 119 26.67 14.45 -19.03
N ILE B 120 27.48 15.47 -19.29
CA ILE B 120 27.15 16.83 -18.90
C ILE B 120 25.95 17.37 -19.68
N HIS B 121 25.76 16.92 -20.91
CA HIS B 121 24.72 17.47 -21.76
C HIS B 121 23.34 17.39 -21.14
N GLN B 122 22.54 18.41 -21.40
CA GLN B 122 21.22 18.52 -20.81
C GLN B 122 20.18 18.86 -21.87
N ALA B 138 10.79 29.92 -22.59
CA ALA B 138 11.09 31.35 -22.52
C ALA B 138 12.54 31.58 -22.11
N GLU B 139 12.82 32.75 -21.55
CA GLU B 139 14.17 33.03 -21.11
C GLU B 139 14.55 32.40 -19.79
N GLU B 140 13.62 31.78 -19.06
CA GLU B 140 14.03 31.23 -17.78
C GLU B 140 15.01 30.08 -17.97
N ILE B 141 14.82 29.27 -19.00
CA ILE B 141 15.78 28.20 -19.24
C ILE B 141 17.13 28.72 -19.73
N MET B 142 17.13 29.80 -20.50
CA MET B 142 18.39 30.37 -20.96
C MET B 142 19.21 30.98 -19.83
N LYS B 143 18.57 31.80 -19.01
CA LYS B 143 19.27 32.36 -17.86
C LYS B 143 19.78 31.27 -16.94
N LEU B 144 18.98 30.22 -16.77
CA LEU B 144 19.34 29.10 -15.92
C LEU B 144 20.51 28.32 -16.48
N LYS B 145 20.58 28.16 -17.80
CA LYS B 145 21.72 27.49 -18.40
C LYS B 145 23.01 28.27 -18.16
N LYS B 146 22.95 29.60 -18.22
CA LYS B 146 24.12 30.41 -17.89
C LYS B 146 24.54 30.28 -16.43
N GLN B 147 23.68 29.73 -15.59
CA GLN B 147 24.10 29.42 -14.23
C GLN B 147 24.86 28.10 -14.19
N LEU B 148 24.32 27.07 -14.84
CA LEU B 148 24.99 25.78 -14.96
C LEU B 148 26.38 25.91 -15.54
N TYR B 149 26.54 26.82 -16.49
CA TYR B 149 27.85 27.06 -17.08
C TYR B 149 28.85 27.51 -16.03
N ASN B 150 28.48 28.49 -15.24
CA ASN B 150 29.40 29.04 -14.25
C ASN B 150 29.79 28.00 -13.21
N ILE B 151 28.85 27.20 -12.77
CA ILE B 151 29.15 26.20 -11.74
C ILE B 151 29.96 25.04 -12.29
N TYR B 152 29.73 24.61 -13.53
CA TYR B 152 30.64 23.66 -14.15
C TYR B 152 32.05 24.20 -14.26
N ALA B 153 32.19 25.46 -14.66
CA ALA B 153 33.50 26.06 -14.77
C ALA B 153 34.24 26.08 -13.44
N LYS B 154 33.56 26.40 -12.35
CA LYS B 154 34.25 26.49 -11.08
C LYS B 154 34.77 25.14 -10.60
N HIS B 155 34.06 24.07 -10.92
CA HIS B 155 34.48 22.76 -10.45
C HIS B 155 35.38 22.05 -11.45
N THR B 156 35.14 22.23 -12.74
CA THR B 156 35.97 21.61 -13.76
C THR B 156 37.03 22.54 -14.33
N LYS B 157 37.15 23.76 -13.83
CA LYS B 157 38.22 24.68 -14.18
C LYS B 157 38.23 25.12 -15.64
N GLN B 158 37.32 24.59 -16.44
CA GLN B 158 37.33 24.88 -17.87
C GLN B 158 36.80 26.27 -18.16
N SER B 159 37.00 26.69 -19.40
CA SER B 159 36.51 27.98 -19.86
C SER B 159 35.07 27.87 -20.35
N LEU B 160 34.39 29.02 -20.33
CA LEU B 160 32.94 29.06 -20.54
C LEU B 160 32.55 28.62 -21.94
N GLN B 161 33.29 29.05 -22.96
CA GLN B 161 32.95 28.64 -24.31
C GLN B 161 33.26 27.16 -24.52
N VAL B 162 34.30 26.66 -23.85
CA VAL B 162 34.57 25.22 -23.92
C VAL B 162 33.41 24.44 -23.34
N ILE B 163 32.90 24.89 -22.18
CA ILE B 163 31.75 24.22 -21.59
C ILE B 163 30.56 24.31 -22.53
N GLU B 164 30.32 25.48 -23.10
CA GLU B 164 29.17 25.63 -23.98
C GLU B 164 29.32 24.73 -25.19
N SER B 165 30.53 24.53 -25.67
CA SER B 165 30.73 23.59 -26.77
C SER B 165 30.50 22.16 -26.31
N ALA B 166 31.11 21.78 -25.19
CA ALA B 166 30.94 20.41 -24.70
C ALA B 166 29.49 20.16 -24.27
N MET B 167 28.92 21.08 -23.50
CA MET B 167 27.52 20.94 -23.12
C MET B 167 26.64 20.83 -24.34
N GLU B 168 26.98 21.56 -25.41
CA GLU B 168 26.17 21.50 -26.62
C GLU B 168 26.30 20.16 -27.34
N ARG B 169 27.32 19.37 -27.04
CA ARG B 169 27.55 18.13 -27.75
C ARG B 169 26.97 17.00 -26.92
N ASP B 170 26.20 16.14 -27.55
CA ASP B 170 25.41 15.15 -26.85
C ASP B 170 26.04 13.80 -27.12
N ARG B 171 26.99 13.42 -26.28
CA ARG B 171 27.66 12.14 -26.44
C ARG B 171 28.27 11.78 -25.10
N TYR B 172 28.12 10.52 -24.75
CA TYR B 172 28.66 10.01 -23.50
C TYR B 172 30.17 10.15 -23.47
N MET B 173 30.71 10.23 -22.27
CA MET B 173 32.15 10.20 -22.06
C MET B 173 32.50 9.11 -21.05
N SER B 174 33.73 8.64 -21.15
CA SER B 174 34.34 7.61 -20.33
C SER B 174 35.01 8.21 -19.10
N PRO B 175 35.33 7.39 -18.10
CA PRO B 175 35.98 7.93 -16.89
C PRO B 175 37.44 8.31 -17.06
N MET B 176 38.16 7.68 -17.97
CA MET B 176 39.42 8.25 -18.44
C MET B 176 39.20 9.62 -19.05
N GLU B 177 38.31 9.69 -20.04
CA GLU B 177 38.03 10.95 -20.71
C GLU B 177 37.40 11.96 -19.78
N ALA B 178 36.56 11.51 -18.85
CA ALA B 178 35.97 12.42 -17.88
C ALA B 178 37.02 13.10 -17.02
N GLN B 179 38.03 12.34 -16.60
CA GLN B 179 39.11 12.93 -15.82
C GLN B 179 39.93 13.93 -16.62
N GLU B 180 40.05 13.75 -17.93
CA GLU B 180 40.71 14.78 -18.72
C GLU B 180 39.89 16.05 -18.81
N PHE B 181 38.57 15.95 -18.82
CA PHE B 181 37.77 17.15 -18.69
C PHE B 181 37.79 17.68 -17.26
N GLY B 182 38.11 16.84 -16.28
CA GLY B 182 38.24 17.25 -14.90
C GLY B 182 37.09 16.88 -13.98
N ILE B 183 36.02 16.31 -14.52
CA ILE B 183 34.85 16.02 -13.69
C ILE B 183 35.18 14.97 -12.64
N LEU B 184 35.89 13.92 -13.03
CA LEU B 184 36.28 12.88 -12.09
C LEU B 184 37.67 13.17 -11.56
N ASP B 185 37.96 12.70 -10.36
CA ASP B 185 39.31 12.83 -9.85
C ASP B 185 40.14 11.58 -9.95
N LYS B 186 39.57 10.42 -9.67
CA LYS B 186 40.34 9.18 -9.73
C LYS B 186 39.41 8.06 -10.15
N VAL B 187 39.71 7.45 -11.27
CA VAL B 187 39.16 6.14 -11.58
C VAL B 187 39.89 5.11 -10.73
N LEU B 188 39.15 4.22 -10.11
CA LEU B 188 39.70 3.10 -9.39
C LEU B 188 39.49 1.83 -10.20
N VAL B 189 40.56 1.22 -10.65
CA VAL B 189 40.44 -0.08 -11.28
C VAL B 189 40.22 -1.16 -10.22
N HIS B 190 40.54 -0.83 -8.99
CA HIS B 190 40.31 -1.64 -7.80
C HIS B 190 40.47 -0.73 -6.60
N PRO B 191 40.02 -1.15 -5.42
CA PRO B 191 40.43 -0.46 -4.22
C PRO B 191 41.95 -0.35 -4.17
N PRO B 192 42.48 0.80 -3.77
CA PRO B 192 43.92 1.04 -3.86
C PRO B 192 44.72 0.20 -2.89
N LEU C 1 12.04 4.01 0.26
CA LEU C 1 11.28 5.09 0.86
C LEU C 1 12.10 5.91 1.84
N ILE C 2 11.73 5.89 3.12
CA ILE C 2 12.38 6.79 4.05
C ILE C 2 13.28 6.04 5.02
N PRO C 3 14.47 6.55 5.28
CA PRO C 3 15.39 5.94 6.28
C PRO C 3 14.82 5.85 7.69
N ILE C 4 14.62 4.64 8.19
CA ILE C 4 13.82 4.43 9.38
C ILE C 4 14.59 3.61 10.38
N VAL C 5 14.21 3.77 11.65
CA VAL C 5 14.67 2.90 12.72
C VAL C 5 13.48 2.44 13.56
N TYR C 16 10.69 5.94 13.06
CA TYR C 16 11.40 7.16 13.43
C TYR C 16 12.17 7.61 12.21
N ASP C 17 11.41 7.89 11.16
CA ASP C 17 11.97 8.34 9.91
C ASP C 17 12.69 9.69 10.07
N ILE C 18 13.43 10.05 9.02
CA ILE C 18 14.25 11.26 8.99
C ILE C 18 13.44 12.53 9.18
N TYR C 19 12.18 12.56 8.72
CA TYR C 19 11.41 13.79 8.87
C TYR C 19 10.89 13.97 10.28
N SER C 20 10.46 12.88 10.92
CA SER C 20 10.22 12.96 12.35
C SER C 20 11.49 13.37 13.07
N ARG C 21 12.62 12.82 12.64
CA ARG C 21 13.90 13.17 13.24
C ARG C 21 14.23 14.64 13.02
N LEU C 22 13.96 15.16 11.82
CA LEU C 22 14.17 16.57 11.58
C LEU C 22 13.17 17.43 12.33
N LEU C 23 11.92 16.98 12.38
CA LEU C 23 10.92 17.70 13.15
C LEU C 23 11.34 17.90 14.60
N ARG C 24 12.01 16.91 15.18
CA ARG C 24 12.45 17.03 16.56
C ARG C 24 13.35 18.23 16.79
N GLU C 25 14.16 18.59 15.83
CA GLU C 25 15.03 19.75 16.00
C GLU C 25 14.38 21.01 15.49
N ARG C 26 13.05 21.03 15.41
CA ARG C 26 12.30 22.21 15.00
C ARG C 26 12.65 22.61 13.57
N ILE C 27 12.89 21.61 12.72
CA ILE C 27 13.04 21.79 11.28
C ILE C 27 11.78 21.27 10.60
N VAL C 28 11.01 22.18 10.03
CA VAL C 28 9.73 21.85 9.43
C VAL C 28 9.89 21.99 7.92
N CYS C 29 9.84 20.88 7.23
CA CYS C 29 9.88 20.89 5.78
C CYS C 29 8.51 21.26 5.24
N VAL C 30 8.47 22.16 4.26
CA VAL C 30 7.38 22.19 3.29
C VAL C 30 7.95 22.00 1.90
N MET C 31 7.88 20.78 1.37
CA MET C 31 8.44 20.49 0.07
C MET C 31 7.40 19.84 -0.81
N GLY C 32 7.46 20.14 -2.09
CA GLY C 32 6.42 19.79 -3.02
C GLY C 32 5.38 20.86 -3.01
N PRO C 33 4.38 20.75 -3.88
CA PRO C 33 3.35 21.78 -3.93
C PRO C 33 2.54 21.85 -2.64
N ILE C 34 2.05 23.05 -2.36
CA ILE C 34 1.20 23.32 -1.21
C ILE C 34 -0.25 23.05 -1.58
N ASP C 35 -0.80 21.97 -1.05
CA ASP C 35 -2.19 21.59 -1.20
C ASP C 35 -2.82 21.51 0.19
N ASP C 36 -4.14 21.28 0.25
CA ASP C 36 -4.82 21.17 1.54
C ASP C 36 -4.25 20.05 2.38
N SER C 37 -3.82 18.95 1.75
CA SER C 37 -3.28 17.84 2.51
C SER C 37 -2.00 18.25 3.24
N VAL C 38 -1.09 18.93 2.55
CA VAL C 38 0.13 19.33 3.22
C VAL C 38 -0.13 20.52 4.13
N ALA C 39 -1.14 21.32 3.83
CA ALA C 39 -1.49 22.41 4.74
C ALA C 39 -1.94 21.86 6.09
N SER C 40 -2.76 20.83 6.08
CA SER C 40 -3.18 20.16 7.32
C SER C 40 -1.99 19.69 8.15
N LEU C 41 -0.99 19.12 7.49
CA LEU C 41 0.14 18.59 8.22
C LEU C 41 1.06 19.67 8.74
N VAL C 42 1.36 20.67 7.91
CA VAL C 42 2.28 21.71 8.30
C VAL C 42 1.73 22.54 9.46
N ILE C 43 0.44 22.87 9.43
CA ILE C 43 -0.13 23.63 10.53
C ILE C 43 -0.12 22.83 11.83
N ALA C 44 -0.37 21.52 11.73
CA ALA C 44 -0.33 20.67 12.92
C ALA C 44 1.06 20.62 13.54
N GLN C 45 2.10 20.53 12.72
CA GLN C 45 3.47 20.54 13.25
C GLN C 45 3.79 21.84 13.97
N LEU C 46 3.41 22.96 13.37
CA LEU C 46 3.62 24.27 13.97
C LEU C 46 2.94 24.39 15.32
N LEU C 47 1.69 23.95 15.42
CA LEU C 47 0.97 24.06 16.68
C LEU C 47 1.51 23.12 17.74
N PHE C 48 2.06 21.98 17.33
CA PHE C 48 2.84 21.16 18.23
C PHE C 48 4.10 21.85 18.70
N LEU C 49 4.88 22.40 17.76
CA LEU C 49 6.15 23.00 18.13
C LEU C 49 5.97 24.23 19.01
N GLN C 50 4.90 24.98 18.80
CA GLN C 50 4.54 26.02 19.76
C GLN C 50 4.15 25.44 21.12
N SER C 51 3.57 24.25 21.14
CA SER C 51 3.23 23.68 22.44
C SER C 51 4.45 23.29 23.25
N GLU C 52 5.49 22.77 22.61
CA GLU C 52 6.64 22.39 23.42
C GLU C 52 7.52 23.56 23.82
N SER C 53 7.57 24.62 23.04
CA SER C 53 8.34 25.76 23.48
C SER C 53 8.06 26.93 22.56
N ASN C 54 7.88 28.10 23.16
CA ASN C 54 7.29 29.25 22.48
C ASN C 54 8.32 30.27 22.03
N LYS C 55 9.36 30.51 22.81
CA LYS C 55 10.39 31.47 22.43
C LYS C 55 11.39 30.92 21.43
N LYS C 56 11.62 29.62 21.45
CA LYS C 56 12.69 29.03 20.66
C LYS C 56 12.45 29.18 19.16
N PRO C 57 13.51 29.25 18.37
CA PRO C 57 13.36 29.27 16.91
C PRO C 57 12.56 28.12 16.33
N ILE C 58 11.98 28.31 15.16
CA ILE C 58 11.55 27.24 14.28
C ILE C 58 12.10 27.50 12.89
N HIS C 59 12.63 26.47 12.25
CA HIS C 59 13.11 26.56 10.87
C HIS C 59 12.10 25.91 9.92
N MET C 60 11.73 26.64 8.88
CA MET C 60 10.85 26.16 7.83
C MET C 60 11.63 26.15 6.53
N TYR C 61 11.73 25.00 5.89
CA TYR C 61 12.44 24.86 4.62
C TYR C 61 11.41 24.82 3.51
N ILE C 62 11.53 25.73 2.55
CA ILE C 62 10.54 25.89 1.51
C ILE C 62 11.15 25.48 0.18
N ASN C 63 10.54 24.50 -0.46
CA ASN C 63 10.84 24.12 -1.83
C ASN C 63 9.50 23.84 -2.49
N SER C 64 8.88 24.87 -3.05
CA SER C 64 7.56 24.68 -3.58
C SER C 64 7.44 25.31 -4.96
N PRO C 65 6.88 24.60 -5.93
CA PRO C 65 6.59 25.21 -7.23
C PRO C 65 5.35 26.09 -7.23
N GLY C 66 4.58 26.13 -6.15
CA GLY C 66 3.33 26.86 -6.11
C GLY C 66 2.34 26.12 -5.24
N GLY C 67 1.06 26.45 -5.39
CA GLY C 67 0.06 25.75 -4.61
C GLY C 67 -1.26 26.46 -4.64
N VAL C 68 -2.24 25.83 -4.01
CA VAL C 68 -3.60 26.37 -3.93
C VAL C 68 -3.60 27.55 -2.97
N VAL C 69 -4.16 28.67 -3.41
CA VAL C 69 -4.03 29.92 -2.68
C VAL C 69 -4.62 29.83 -1.27
N THR C 70 -5.72 29.12 -1.10
CA THR C 70 -6.34 29.10 0.22
C THR C 70 -5.62 28.19 1.20
N ALA C 71 -4.83 27.24 0.74
CA ALA C 71 -4.05 26.41 1.63
C ALA C 71 -2.82 27.15 2.11
N GLY C 72 -2.12 27.82 1.21
CA GLY C 72 -1.02 28.65 1.63
C GLY C 72 -1.43 29.77 2.56
N LEU C 73 -2.60 30.36 2.33
CA LEU C 73 -3.06 31.40 3.25
C LEU C 73 -3.31 30.81 4.62
N ALA C 74 -3.83 29.59 4.70
CA ALA C 74 -3.97 28.93 5.99
C ALA C 74 -2.62 28.75 6.66
N ILE C 75 -1.62 28.27 5.92
CA ILE C 75 -0.28 28.20 6.49
C ILE C 75 0.21 29.57 6.91
N TYR C 76 -0.01 30.57 6.05
CA TYR C 76 0.49 31.92 6.31
C TYR C 76 -0.01 32.51 7.63
N ASP C 77 -1.32 32.54 7.85
CA ASP C 77 -1.78 33.15 9.09
C ASP C 77 -1.54 32.25 10.28
N THR C 78 -1.36 30.95 10.06
CA THR C 78 -0.86 30.11 11.14
C THR C 78 0.56 30.51 11.51
N MET C 79 1.41 30.76 10.51
CA MET C 79 2.75 31.24 10.81
C MET C 79 2.72 32.55 11.58
N GLN C 80 1.83 33.47 11.20
CA GLN C 80 1.68 34.72 11.94
C GLN C 80 1.22 34.50 13.37
N TYR C 81 0.29 33.57 13.56
CA TYR C 81 -0.33 33.40 14.87
C TYR C 81 0.64 33.00 15.97
N ILE C 82 1.60 32.14 15.67
CA ILE C 82 2.47 31.65 16.72
C ILE C 82 3.51 32.71 17.06
N LEU C 83 3.94 32.73 18.32
CA LEU C 83 4.96 33.69 18.73
C LEU C 83 6.37 33.30 18.32
N ASN C 84 6.59 32.08 17.85
CA ASN C 84 7.95 31.65 17.56
C ASN C 84 8.57 32.50 16.45
N PRO C 85 9.86 32.82 16.55
CA PRO C 85 10.56 33.34 15.37
C PRO C 85 10.74 32.23 14.36
N ILE C 86 10.31 32.49 13.13
CA ILE C 86 10.28 31.51 12.06
C ILE C 86 11.35 31.88 11.04
N CYS C 87 12.43 31.12 11.03
CA CYS C 87 13.45 31.24 10.00
C CYS C 87 12.99 30.46 8.78
N THR C 88 12.91 31.12 7.64
CA THR C 88 12.59 30.44 6.39
C THR C 88 13.85 30.24 5.57
N TRP C 89 13.99 29.05 5.01
CA TRP C 89 15.10 28.73 4.12
C TRP C 89 14.55 28.37 2.74
N CYS C 90 14.95 29.11 1.71
CA CYS C 90 14.54 28.85 0.34
C CYS C 90 15.49 27.92 -0.38
N VAL C 91 14.97 26.80 -0.86
CA VAL C 91 15.78 25.72 -1.41
C VAL C 91 15.24 25.39 -2.79
N GLY C 92 15.97 25.78 -3.82
CA GLY C 92 15.56 25.45 -5.17
C GLY C 92 14.42 26.28 -5.71
N GLN C 93 13.28 26.31 -5.01
CA GLN C 93 12.16 27.10 -5.48
C GLN C 93 11.39 27.65 -4.31
N ALA C 94 11.02 28.90 -4.41
CA ALA C 94 9.90 29.47 -3.66
C ALA C 94 9.08 30.20 -4.71
N ALA C 95 8.20 29.47 -5.38
CA ALA C 95 7.34 30.03 -6.40
C ALA C 95 5.95 30.26 -5.82
N SER C 96 5.32 31.35 -6.25
CA SER C 96 3.97 31.71 -5.86
C SER C 96 3.76 31.75 -4.35
N MET C 97 2.97 30.81 -3.82
CA MET C 97 2.74 30.80 -2.38
C MET C 97 4.00 30.53 -1.60
N GLY C 98 4.95 29.80 -2.17
CA GLY C 98 6.20 29.57 -1.49
C GLY C 98 6.94 30.85 -1.19
N SER C 99 6.89 31.81 -2.12
CA SER C 99 7.50 33.09 -1.86
C SER C 99 6.79 33.81 -0.72
N LEU C 100 5.47 33.68 -0.65
CA LEU C 100 4.73 34.31 0.43
C LEU C 100 5.00 33.64 1.77
N LEU C 101 5.10 32.33 1.79
CA LEU C 101 5.51 31.63 3.00
C LEU C 101 6.95 31.96 3.35
N LEU C 102 7.81 32.07 2.35
CA LEU C 102 9.18 32.53 2.58
C LEU C 102 9.20 33.92 3.18
N ALA C 103 8.42 34.83 2.61
CA ALA C 103 8.31 36.18 3.13
C ALA C 103 7.75 36.26 4.54
N ALA C 104 7.00 35.27 5.00
CA ALA C 104 6.33 35.35 6.28
C ALA C 104 7.25 35.26 7.49
N GLY C 105 8.52 34.97 7.32
CA GLY C 105 9.41 34.80 8.44
C GLY C 105 9.64 36.07 9.21
N THR C 106 10.22 35.91 10.39
CA THR C 106 10.47 37.05 11.26
C THR C 106 11.48 37.96 10.59
N PRO C 107 11.21 39.27 10.51
CA PRO C 107 12.04 40.14 9.66
C PRO C 107 13.50 40.00 10.01
N GLY C 108 14.32 39.76 9.00
CA GLY C 108 15.73 39.58 9.18
C GLY C 108 16.18 38.16 8.93
N MET C 109 15.28 37.18 9.07
CA MET C 109 15.67 35.78 9.14
C MET C 109 15.16 34.95 7.97
N ARG C 110 14.84 35.58 6.84
CA ARG C 110 14.37 34.87 5.66
C ARG C 110 15.57 34.65 4.75
N HIS C 111 16.04 33.41 4.68
CA HIS C 111 17.30 33.06 4.03
C HIS C 111 17.08 32.34 2.72
N SER C 112 18.10 32.37 1.87
CA SER C 112 18.15 31.56 0.67
C SER C 112 19.53 30.97 0.50
N LEU C 113 19.56 29.82 -0.15
CA LEU C 113 20.76 29.29 -0.75
C LEU C 113 21.09 30.06 -2.01
N PRO C 114 22.36 30.10 -2.42
CA PRO C 114 22.76 31.00 -3.50
C PRO C 114 22.23 30.69 -4.89
N ASN C 115 21.59 29.54 -5.13
CA ASN C 115 21.07 29.26 -6.47
C ASN C 115 19.56 29.08 -6.58
N SER C 116 18.78 29.27 -5.52
CA SER C 116 17.33 29.10 -5.58
C SER C 116 16.64 30.13 -6.48
N ARG C 117 15.53 29.74 -7.09
CA ARG C 117 14.69 30.64 -7.87
C ARG C 117 13.46 31.03 -7.07
N ILE C 118 13.25 32.33 -6.87
CA ILE C 118 12.10 32.89 -6.17
C ILE C 118 11.21 33.58 -7.18
N MET C 119 9.90 33.45 -7.03
CA MET C 119 8.98 34.03 -8.00
C MET C 119 7.63 34.30 -7.36
N ILE C 120 7.12 35.52 -7.57
CA ILE C 120 5.90 35.95 -6.90
C ILE C 120 4.69 35.98 -7.84
N HIS C 121 4.90 35.87 -9.14
CA HIS C 121 3.80 35.80 -10.10
C HIS C 121 2.86 34.66 -9.73
N GLN C 122 1.57 34.86 -9.97
CA GLN C 122 0.60 33.79 -9.69
C GLN C 122 0.10 33.16 -10.98
N ALA C 138 -14.19 33.60 -10.02
CA ALA C 138 -15.27 34.53 -9.78
C ALA C 138 -14.75 35.87 -9.30
N GLU C 139 -15.57 36.56 -8.52
CA GLU C 139 -15.14 37.82 -7.93
C GLU C 139 -14.11 37.59 -6.83
N GLU C 140 -14.06 36.38 -6.27
CA GLU C 140 -13.23 36.17 -5.09
C GLU C 140 -11.77 36.17 -5.44
N ILE C 141 -11.44 35.81 -6.68
CA ILE C 141 -10.04 35.66 -7.00
C ILE C 141 -9.39 37.02 -7.08
N MET C 142 -10.08 38.01 -7.63
CA MET C 142 -9.48 39.34 -7.63
C MET C 142 -9.47 39.93 -6.22
N LYS C 143 -10.49 39.64 -5.41
CA LYS C 143 -10.43 40.04 -4.01
C LYS C 143 -9.37 39.27 -3.25
N LEU C 144 -9.15 38.02 -3.63
CA LEU C 144 -8.08 37.24 -3.02
C LEU C 144 -6.72 37.83 -3.37
N LYS C 145 -6.57 38.30 -4.60
CA LYS C 145 -5.34 38.97 -4.99
C LYS C 145 -5.09 40.29 -4.25
N LYS C 146 -6.11 41.06 -3.88
CA LYS C 146 -5.81 42.24 -3.07
C LYS C 146 -5.20 41.81 -1.75
N GLN C 147 -5.78 40.79 -1.12
CA GLN C 147 -5.18 40.27 0.09
C GLN C 147 -3.73 39.90 -0.16
N LEU C 148 -3.46 39.21 -1.28
CA LEU C 148 -2.08 38.87 -1.63
C LEU C 148 -1.23 40.12 -1.84
N TYR C 149 -1.78 41.13 -2.50
CA TYR C 149 -1.09 42.42 -2.60
C TYR C 149 -0.81 42.98 -1.21
N ASN C 150 -1.83 43.00 -0.37
CA ASN C 150 -1.72 43.59 0.96
C ASN C 150 -0.70 42.87 1.83
N ILE C 151 -0.74 41.54 1.82
CA ILE C 151 0.11 40.75 2.69
C ILE C 151 1.57 40.73 2.23
N TYR C 152 1.83 40.67 0.93
CA TYR C 152 3.20 40.90 0.47
C TYR C 152 3.73 42.25 0.93
N ALA C 153 2.92 43.30 0.80
CA ALA C 153 3.36 44.64 1.20
C ALA C 153 3.65 44.74 2.70
N LYS C 154 2.84 44.12 3.55
CA LYS C 154 3.10 44.23 4.98
C LYS C 154 4.44 43.61 5.36
N HIS C 155 4.88 42.61 4.62
CA HIS C 155 6.10 41.89 4.92
C HIS C 155 7.31 42.41 4.15
N THR C 156 7.13 42.93 2.95
CA THR C 156 8.24 43.43 2.17
C THR C 156 8.48 44.93 2.31
N LYS C 157 7.54 45.66 2.90
CA LYS C 157 7.59 47.10 3.14
C LYS C 157 7.57 47.93 1.85
N GLN C 158 7.53 47.30 0.69
CA GLN C 158 7.39 48.04 -0.56
C GLN C 158 5.95 48.52 -0.70
N SER C 159 5.73 49.45 -1.62
CA SER C 159 4.40 50.03 -1.75
C SER C 159 3.46 49.05 -2.45
N LEU C 160 2.18 49.43 -2.51
CA LEU C 160 1.17 48.55 -3.07
C LEU C 160 1.27 48.45 -4.58
N GLN C 161 1.42 49.58 -5.28
CA GLN C 161 1.52 49.54 -6.73
C GLN C 161 2.84 48.92 -7.18
N VAL C 162 3.86 48.96 -6.34
CA VAL C 162 5.10 48.25 -6.62
C VAL C 162 4.83 46.75 -6.72
N ILE C 163 4.08 46.21 -5.77
CA ILE C 163 3.86 44.77 -5.77
C ILE C 163 2.93 44.38 -6.91
N GLU C 164 2.00 45.24 -7.28
CA GLU C 164 1.14 44.95 -8.43
C GLU C 164 1.94 45.00 -9.72
N SER C 165 3.02 45.78 -9.75
CA SER C 165 3.87 45.79 -10.93
C SER C 165 4.75 44.55 -11.00
N ALA C 166 5.17 44.03 -9.86
CA ALA C 166 6.07 42.89 -9.88
C ALA C 166 5.33 41.63 -10.31
N MET C 167 4.14 41.41 -9.77
CA MET C 167 3.49 40.14 -10.01
C MET C 167 2.77 40.08 -11.35
N GLU C 168 2.57 41.21 -12.03
CA GLU C 168 1.92 41.13 -13.32
C GLU C 168 2.76 40.43 -14.38
N ARG C 169 4.07 40.39 -14.20
CA ARG C 169 4.98 39.76 -15.15
C ARG C 169 5.48 38.44 -14.59
N ASP C 170 5.48 37.41 -15.42
CA ASP C 170 5.75 36.04 -14.97
C ASP C 170 7.22 35.74 -15.23
N ARG C 171 8.04 35.91 -14.21
CA ARG C 171 9.46 35.62 -14.35
C ARG C 171 9.98 35.14 -13.02
N TYR C 172 10.97 34.26 -13.06
CA TYR C 172 11.73 33.92 -11.88
C TYR C 172 12.84 34.92 -11.66
N MET C 173 13.17 35.14 -10.41
CA MET C 173 14.13 36.17 -10.09
C MET C 173 15.10 35.60 -9.07
N SER C 174 16.35 36.00 -9.19
CA SER C 174 17.44 35.40 -8.44
C SER C 174 17.42 35.85 -6.98
N PRO C 175 18.08 35.11 -6.10
CA PRO C 175 18.12 35.49 -4.68
C PRO C 175 18.77 36.83 -4.39
N MET C 176 19.70 37.29 -5.22
CA MET C 176 20.25 38.63 -5.02
C MET C 176 19.20 39.71 -5.17
N GLU C 177 18.33 39.57 -6.18
CA GLU C 177 17.20 40.49 -6.30
C GLU C 177 16.19 40.34 -5.18
N ALA C 178 16.05 39.15 -4.62
CA ALA C 178 15.12 38.96 -3.53
C ALA C 178 15.54 39.70 -2.28
N GLN C 179 16.83 39.88 -2.07
CA GLN C 179 17.26 40.74 -0.97
C GLN C 179 16.79 42.17 -1.17
N GLU C 180 16.94 42.71 -2.37
CA GLU C 180 16.61 44.12 -2.54
C GLU C 180 15.11 44.35 -2.54
N PHE C 181 14.32 43.32 -2.82
CA PHE C 181 12.89 43.48 -2.77
C PHE C 181 12.34 43.20 -1.39
N GLY C 182 13.17 42.75 -0.47
CA GLY C 182 12.76 42.54 0.90
C GLY C 182 12.21 41.17 1.18
N ILE C 183 12.13 40.30 0.19
CA ILE C 183 11.64 38.95 0.44
C ILE C 183 12.66 38.18 1.25
N LEU C 184 13.93 38.28 0.89
CA LEU C 184 14.99 37.74 1.71
C LEU C 184 15.66 38.84 2.50
N ASP C 185 16.44 38.42 3.46
CA ASP C 185 17.31 39.32 4.17
C ASP C 185 18.77 39.00 3.93
N LYS C 186 19.08 37.77 3.57
CA LYS C 186 20.47 37.36 3.45
C LYS C 186 20.59 36.02 2.76
N VAL C 187 21.43 35.96 1.74
CA VAL C 187 21.70 34.71 1.04
C VAL C 187 22.98 34.16 1.65
N LEU C 188 22.99 32.88 1.93
CA LEU C 188 24.04 32.28 2.73
C LEU C 188 24.78 31.29 1.86
N VAL C 189 26.00 31.65 1.48
CA VAL C 189 26.85 30.70 0.79
C VAL C 189 27.48 29.70 1.76
N HIS C 190 28.06 30.20 2.84
CA HIS C 190 28.66 29.44 3.94
C HIS C 190 28.23 30.12 5.22
N PRO C 191 28.04 29.37 6.30
CA PRO C 191 27.54 29.97 7.51
C PRO C 191 28.51 31.01 8.04
N PRO C 192 28.01 32.10 8.62
CA PRO C 192 28.80 33.16 9.23
C PRO C 192 29.60 32.68 10.44
N LEU D 1 3.46 11.49 3.97
CA LEU D 1 3.13 10.66 5.11
C LEU D 1 3.13 11.46 6.39
N ILE D 2 2.61 10.88 7.46
CA ILE D 2 2.48 11.62 8.72
C ILE D 2 3.68 11.49 9.63
N PRO D 3 4.23 12.60 10.12
CA PRO D 3 5.39 12.55 11.02
C PRO D 3 5.04 11.83 12.31
N ILE D 4 5.79 10.78 12.61
CA ILE D 4 5.54 9.95 13.79
C ILE D 4 6.40 10.50 14.93
N VAL D 5 5.83 11.45 15.68
CA VAL D 5 6.51 11.96 16.87
C VAL D 5 6.40 10.91 17.97
N VAL D 6 7.52 10.62 18.61
CA VAL D 6 7.54 9.61 19.66
C VAL D 6 7.12 10.23 20.98
N GLU D 7 6.41 9.44 21.79
CA GLU D 7 6.26 9.74 23.20
C GLU D 7 6.53 8.49 24.05
N ARG D 14 5.68 4.28 23.04
CA ARG D 14 4.65 4.43 22.01
C ARG D 14 4.73 5.81 21.35
N ALA D 15 4.63 5.82 20.02
CA ALA D 15 4.76 7.03 19.23
C ALA D 15 3.42 7.31 18.58
N TYR D 16 2.95 8.55 18.67
CA TYR D 16 1.73 8.96 18.02
C TYR D 16 1.99 9.66 16.71
N ASP D 17 1.09 9.45 15.77
CA ASP D 17 0.98 10.33 14.62
C ASP D 17 0.82 11.75 15.14
N ILE D 18 1.10 12.74 14.30
CA ILE D 18 0.82 14.12 14.68
C ILE D 18 -0.66 14.37 14.91
N TYR D 19 -1.54 13.68 14.20
CA TYR D 19 -2.97 13.81 14.49
C TYR D 19 -3.36 13.12 15.78
N SER D 20 -2.79 11.97 16.08
CA SER D 20 -3.04 11.35 17.37
C SER D 20 -2.49 12.18 18.52
N ARG D 21 -1.37 12.87 18.31
CA ARG D 21 -0.91 13.80 19.33
C ARG D 21 -1.90 14.92 19.58
N LEU D 22 -2.48 15.48 18.52
CA LEU D 22 -3.46 16.53 18.73
C LEU D 22 -4.77 16.03 19.35
N LEU D 23 -5.13 14.76 19.19
CA LEU D 23 -6.31 14.28 19.91
C LEU D 23 -6.09 14.28 21.40
N ARG D 24 -4.85 14.10 21.84
CA ARG D 24 -4.54 14.11 23.26
C ARG D 24 -4.86 15.46 23.86
N GLU D 25 -4.59 16.51 23.11
CA GLU D 25 -4.91 17.89 23.43
C GLU D 25 -6.35 18.26 23.15
N ARG D 26 -7.20 17.28 22.87
CA ARG D 26 -8.59 17.50 22.52
C ARG D 26 -8.75 18.41 21.31
N ILE D 27 -8.10 18.03 20.22
CA ILE D 27 -8.22 18.75 18.96
C ILE D 27 -8.65 17.80 17.85
N VAL D 28 -9.74 18.12 17.18
CA VAL D 28 -10.28 17.33 16.08
C VAL D 28 -10.05 18.10 14.78
N CYS D 29 -9.22 17.55 13.92
CA CYS D 29 -8.93 18.15 12.62
C CYS D 29 -9.93 17.64 11.60
N VAL D 30 -10.96 18.44 11.34
CA VAL D 30 -11.84 18.23 10.20
C VAL D 30 -11.23 19.03 9.06
N MET D 31 -10.43 18.37 8.25
CA MET D 31 -9.76 19.07 7.16
C MET D 31 -9.94 18.26 5.89
N GLY D 32 -10.26 18.94 4.81
CA GLY D 32 -10.56 18.29 3.55
C GLY D 32 -12.04 18.11 3.32
N PRO D 33 -12.41 17.66 2.12
CA PRO D 33 -13.83 17.50 1.78
C PRO D 33 -14.51 16.54 2.73
N ILE D 34 -15.71 16.89 3.15
CA ILE D 34 -16.40 16.10 4.14
C ILE D 34 -16.91 14.85 3.43
N ASP D 35 -16.67 13.70 4.02
CA ASP D 35 -17.08 12.45 3.42
C ASP D 35 -17.82 11.59 4.44
N ASP D 36 -18.30 10.45 3.96
CA ASP D 36 -18.85 9.44 4.86
C ASP D 36 -17.75 8.86 5.73
N SER D 37 -16.56 8.69 5.18
CA SER D 37 -15.42 8.24 5.96
C SER D 37 -14.95 9.29 6.95
N VAL D 38 -14.90 10.57 6.52
CA VAL D 38 -14.54 11.61 7.47
C VAL D 38 -15.62 11.77 8.51
N ALA D 39 -16.88 11.60 8.12
CA ALA D 39 -17.95 11.64 9.11
C ALA D 39 -17.77 10.55 10.15
N SER D 40 -17.45 9.33 9.71
CA SER D 40 -17.19 8.25 10.66
C SER D 40 -16.01 8.57 11.55
N LEU D 41 -14.91 9.04 10.95
CA LEU D 41 -13.73 9.39 11.74
C LEU D 41 -14.04 10.48 12.75
N VAL D 42 -14.70 11.55 12.31
CA VAL D 42 -14.97 12.68 13.18
C VAL D 42 -15.99 12.32 14.24
N ILE D 43 -17.02 11.56 13.87
CA ILE D 43 -18.03 11.16 14.83
C ILE D 43 -17.43 10.29 15.91
N ALA D 44 -16.59 9.34 15.52
CA ALA D 44 -15.94 8.48 16.50
C ALA D 44 -15.04 9.27 17.45
N GLN D 45 -14.31 10.25 16.93
CA GLN D 45 -13.46 11.07 17.78
C GLN D 45 -14.28 11.84 18.79
N LEU D 46 -15.40 12.40 18.35
CA LEU D 46 -16.24 13.16 19.26
C LEU D 46 -16.80 12.29 20.36
N LEU D 47 -17.26 11.09 20.03
CA LEU D 47 -17.78 10.19 21.06
C LEU D 47 -16.69 9.78 22.04
N PHE D 48 -15.49 9.54 21.53
CA PHE D 48 -14.37 9.20 22.39
C PHE D 48 -14.01 10.39 23.27
N LEU D 49 -14.07 11.60 22.75
CA LEU D 49 -13.72 12.76 23.55
C LEU D 49 -14.71 12.98 24.68
N GLN D 50 -16.01 12.76 24.47
CA GLN D 50 -16.91 12.91 25.61
C GLN D 50 -16.61 11.87 26.67
N SER D 51 -16.35 10.64 26.25
CA SER D 51 -15.94 9.64 27.23
C SER D 51 -14.66 10.06 27.90
N GLU D 52 -13.81 10.82 27.20
CA GLU D 52 -12.59 11.29 27.82
C GLU D 52 -12.87 12.32 28.91
N SER D 53 -13.83 13.21 28.67
CA SER D 53 -14.15 14.21 29.67
C SER D 53 -15.59 14.63 29.50
N ASN D 54 -16.30 14.73 30.61
CA ASN D 54 -17.69 15.14 30.53
C ASN D 54 -17.86 16.64 30.53
N LYS D 55 -16.79 17.41 30.77
CA LYS D 55 -16.88 18.86 30.80
C LYS D 55 -15.82 19.60 29.99
N LYS D 56 -14.68 19.02 29.71
CA LYS D 56 -13.62 19.84 29.13
C LYS D 56 -13.84 20.09 27.64
N PRO D 57 -13.40 21.24 27.14
CA PRO D 57 -13.80 21.66 25.81
C PRO D 57 -13.15 20.82 24.73
N ILE D 58 -13.72 20.92 23.53
CA ILE D 58 -13.19 20.23 22.36
C ILE D 58 -12.98 21.24 21.25
N HIS D 59 -11.79 21.27 20.68
CA HIS D 59 -11.46 22.22 19.63
C HIS D 59 -11.59 21.53 18.28
N MET D 60 -12.31 22.17 17.37
CA MET D 60 -12.49 21.66 16.01
C MET D 60 -11.91 22.65 15.01
N TYR D 61 -10.87 22.22 14.33
CA TYR D 61 -10.24 22.97 13.24
C TYR D 61 -10.89 22.61 11.92
N ILE D 62 -11.51 23.59 11.27
CA ILE D 62 -12.30 23.36 10.07
C ILE D 62 -11.60 23.96 8.87
N ASN D 63 -11.30 23.11 7.90
CA ASN D 63 -10.87 23.54 6.57
C ASN D 63 -11.50 22.54 5.61
N SER D 64 -12.71 22.86 5.15
CA SER D 64 -13.49 21.94 4.34
C SER D 64 -14.04 22.69 3.15
N PRO D 65 -13.71 22.31 1.91
CA PRO D 65 -14.35 22.94 0.76
C PRO D 65 -15.81 22.58 0.64
N GLY D 66 -16.29 21.61 1.39
CA GLY D 66 -17.67 21.22 1.34
C GLY D 66 -17.78 19.73 1.44
N GLY D 67 -18.96 19.23 1.13
CA GLY D 67 -19.16 17.79 1.08
C GLY D 67 -20.63 17.44 1.12
N VAL D 68 -20.88 16.15 1.28
CA VAL D 68 -22.24 15.63 1.28
C VAL D 68 -22.99 16.12 2.51
N VAL D 69 -24.18 16.67 2.27
CA VAL D 69 -24.96 17.28 3.34
C VAL D 69 -25.35 16.25 4.39
N THR D 70 -25.73 15.05 3.97
CA THR D 70 -26.10 14.03 4.94
C THR D 70 -24.92 13.50 5.71
N ALA D 71 -23.70 13.82 5.31
CA ALA D 71 -22.57 13.52 6.16
C ALA D 71 -22.27 14.67 7.09
N GLY D 72 -22.36 15.90 6.59
CA GLY D 72 -22.20 17.05 7.43
C GLY D 72 -23.21 17.13 8.57
N LEU D 73 -24.45 16.81 8.28
CA LEU D 73 -25.48 16.80 9.32
C LEU D 73 -25.21 15.76 10.40
N ALA D 74 -24.74 14.58 10.02
CA ALA D 74 -24.36 13.59 11.01
C ALA D 74 -23.30 14.09 11.98
N ILE D 75 -22.33 14.86 11.49
CA ILE D 75 -21.34 15.44 12.40
C ILE D 75 -22.00 16.49 13.27
N TYR D 76 -22.80 17.36 12.64
CA TYR D 76 -23.46 18.45 13.36
C TYR D 76 -24.39 17.94 14.43
N ASP D 77 -25.04 16.80 14.19
CA ASP D 77 -25.95 16.25 15.18
C ASP D 77 -25.24 15.79 16.44
N THR D 78 -24.08 15.14 16.29
CA THR D 78 -23.29 14.79 17.46
C THR D 78 -22.73 16.01 18.16
N MET D 79 -22.32 17.02 17.39
CA MET D 79 -21.89 18.27 17.99
C MET D 79 -22.98 18.83 18.88
N GLN D 80 -24.22 18.84 18.41
CA GLN D 80 -25.32 19.26 19.26
C GLN D 80 -25.50 18.31 20.44
N TYR D 81 -25.45 16.99 20.20
CA TYR D 81 -25.66 16.04 21.28
C TYR D 81 -24.61 16.17 22.36
N ILE D 82 -23.34 16.31 21.98
CA ILE D 82 -22.25 16.25 22.95
C ILE D 82 -22.40 17.42 23.92
N LEU D 83 -22.32 17.12 25.22
CA LEU D 83 -22.52 18.16 26.22
C LEU D 83 -21.30 19.05 26.47
N ASN D 84 -20.11 18.67 26.01
CA ASN D 84 -18.91 19.48 26.22
C ASN D 84 -18.95 20.75 25.37
N PRO D 85 -18.32 21.83 25.83
CA PRO D 85 -18.18 23.03 24.98
C PRO D 85 -17.30 22.74 23.77
N ILE D 86 -17.69 23.29 22.63
CA ILE D 86 -17.00 23.06 21.38
C ILE D 86 -16.45 24.38 20.83
N CYS D 87 -15.21 24.36 20.35
CA CYS D 87 -14.42 25.53 19.94
C CYS D 87 -14.04 25.42 18.46
N THR D 88 -14.89 25.96 17.59
CA THR D 88 -14.79 25.81 16.14
C THR D 88 -13.89 26.90 15.54
N TRP D 89 -12.77 26.53 14.95
CA TRP D 89 -11.85 27.50 14.37
C TRP D 89 -11.85 27.30 12.84
N CYS D 90 -12.17 28.35 12.10
CA CYS D 90 -11.94 28.36 10.65
C CYS D 90 -10.51 28.69 10.31
N VAL D 91 -9.89 27.85 9.50
CA VAL D 91 -8.55 28.09 8.97
C VAL D 91 -8.59 27.71 7.51
N GLY D 92 -7.95 28.50 6.66
CA GLY D 92 -8.14 28.26 5.25
C GLY D 92 -9.54 28.63 4.82
N GLN D 93 -10.41 27.66 4.57
CA GLN D 93 -11.78 27.97 4.21
C GLN D 93 -12.75 27.00 4.85
N ALA D 94 -13.96 27.49 5.11
CA ALA D 94 -15.07 26.67 5.59
C ALA D 94 -16.28 26.97 4.70
N ALA D 95 -16.41 26.22 3.62
CA ALA D 95 -17.42 26.45 2.60
C ALA D 95 -18.50 25.38 2.64
N SER D 96 -19.72 25.78 2.30
CA SER D 96 -20.87 24.90 2.22
C SER D 96 -21.08 24.26 3.60
N MET D 97 -20.97 22.95 3.75
CA MET D 97 -21.33 22.35 5.04
C MET D 97 -20.36 22.68 6.15
N GLY D 98 -19.11 23.03 5.82
CA GLY D 98 -18.17 23.43 6.83
C GLY D 98 -18.54 24.71 7.54
N SER D 99 -19.35 25.56 6.91
CA SER D 99 -19.86 26.75 7.57
C SER D 99 -20.88 26.42 8.64
N LEU D 100 -21.68 25.39 8.41
CA LEU D 100 -22.65 24.94 9.41
C LEU D 100 -21.96 24.45 10.66
N LEU D 101 -20.90 23.66 10.50
CA LEU D 101 -20.10 23.24 11.66
C LEU D 101 -19.38 24.42 12.28
N LEU D 102 -18.96 25.38 11.47
CA LEU D 102 -18.31 26.55 12.03
C LEU D 102 -19.28 27.29 12.96
N ALA D 103 -20.54 27.41 12.55
CA ALA D 103 -21.56 28.04 13.39
C ALA D 103 -22.13 27.09 14.44
N ALA D 104 -21.78 25.82 14.40
CA ALA D 104 -22.36 24.87 15.34
C ALA D 104 -21.73 24.90 16.72
N GLY D 105 -20.62 25.58 16.90
CA GLY D 105 -20.03 25.68 18.21
C GLY D 105 -20.88 26.48 19.15
N THR D 106 -20.52 26.42 20.43
CA THR D 106 -21.26 27.19 21.41
C THR D 106 -21.14 28.67 21.09
N PRO D 107 -22.21 29.45 21.27
CA PRO D 107 -22.13 30.88 20.94
C PRO D 107 -21.07 31.56 21.77
N GLY D 108 -20.46 32.59 21.18
CA GLY D 108 -19.37 33.26 21.87
C GLY D 108 -18.07 32.50 21.85
N MET D 109 -17.99 31.40 21.12
CA MET D 109 -16.78 30.61 21.08
C MET D 109 -16.44 30.11 19.69
N ARG D 110 -17.21 30.47 18.68
CA ARG D 110 -16.90 30.19 17.28
C ARG D 110 -15.91 31.21 16.76
N HIS D 111 -14.82 30.77 16.11
CA HIS D 111 -13.70 31.64 15.84
C HIS D 111 -13.24 31.52 14.40
N SER D 112 -12.43 32.49 13.97
CA SER D 112 -11.89 32.52 12.62
C SER D 112 -10.55 33.24 12.59
N LEU D 113 -9.60 32.65 11.89
CA LEU D 113 -8.32 33.30 11.71
C LEU D 113 -8.52 34.53 10.84
N PRO D 114 -7.64 35.52 10.95
CA PRO D 114 -7.86 36.79 10.26
C PRO D 114 -8.13 36.66 8.78
N ASN D 115 -7.58 35.63 8.15
CA ASN D 115 -7.54 35.54 6.70
C ASN D 115 -8.30 34.36 6.11
N SER D 116 -9.35 33.87 6.78
CA SER D 116 -10.11 32.78 6.20
C SER D 116 -11.20 33.29 5.26
N ARG D 117 -11.63 32.42 4.35
CA ARG D 117 -12.72 32.73 3.42
C ARG D 117 -13.87 31.77 3.66
N ILE D 118 -15.07 32.31 3.88
CA ILE D 118 -16.23 31.58 4.39
C ILE D 118 -17.40 31.76 3.45
N MET D 119 -18.19 30.71 3.29
CA MET D 119 -19.35 30.79 2.40
C MET D 119 -20.46 29.90 2.90
N ILE D 120 -21.70 30.38 2.81
CA ILE D 120 -22.82 29.60 3.30
C ILE D 120 -23.61 28.99 2.15
N HIS D 121 -23.42 29.46 0.93
CA HIS D 121 -24.07 28.82 -0.20
C HIS D 121 -23.51 27.41 -0.37
N GLN D 122 -24.36 26.49 -0.82
CA GLN D 122 -23.94 25.10 -0.94
C GLN D 122 -22.85 24.92 -1.96
N ALA D 138 -35.40 13.15 -6.43
CA ALA D 138 -34.50 13.36 -5.30
C ALA D 138 -34.86 14.66 -4.61
N GLU D 139 -36.16 14.95 -4.60
CA GLU D 139 -36.68 16.18 -4.02
C GLU D 139 -36.40 16.32 -2.54
N GLU D 140 -35.88 15.28 -1.88
CA GLU D 140 -35.27 15.49 -0.57
C GLU D 140 -34.29 16.64 -0.58
N ILE D 141 -33.69 16.93 -1.72
CA ILE D 141 -32.82 18.08 -1.81
C ILE D 141 -33.53 19.34 -1.35
N MET D 142 -34.84 19.45 -1.61
CA MET D 142 -35.58 20.58 -1.08
C MET D 142 -35.90 20.45 0.40
N LYS D 143 -36.48 19.32 0.81
CA LYS D 143 -36.86 19.15 2.20
C LYS D 143 -35.67 19.24 3.13
N LEU D 144 -34.52 18.76 2.67
CA LEU D 144 -33.28 18.91 3.42
C LEU D 144 -32.74 20.33 3.36
N LYS D 145 -32.88 20.99 2.22
CA LYS D 145 -32.50 22.40 2.14
C LYS D 145 -33.37 23.27 3.04
N LYS D 146 -34.67 22.97 3.11
CA LYS D 146 -35.55 23.62 4.08
C LYS D 146 -35.11 23.36 5.51
N GLN D 147 -34.56 22.17 5.78
CA GLN D 147 -33.94 21.85 7.05
C GLN D 147 -32.71 22.72 7.34
N LEU D 148 -31.82 22.86 6.36
CA LEU D 148 -30.64 23.69 6.54
C LEU D 148 -30.97 25.13 6.90
N TYR D 149 -31.98 25.71 6.27
CA TYR D 149 -32.37 27.06 6.62
C TYR D 149 -32.77 27.17 8.09
N ASN D 150 -33.54 26.20 8.58
CA ASN D 150 -34.00 26.28 9.96
C ASN D 150 -32.84 26.13 10.95
N ILE D 151 -31.86 25.28 10.65
CA ILE D 151 -30.73 25.16 11.56
C ILE D 151 -29.82 26.38 11.45
N TYR D 152 -29.68 26.95 10.25
CA TYR D 152 -28.95 28.20 10.13
C TYR D 152 -29.66 29.32 10.87
N ALA D 153 -30.99 29.34 10.83
CA ALA D 153 -31.74 30.34 11.57
C ALA D 153 -31.53 30.19 13.06
N LYS D 154 -31.52 28.96 13.56
CA LYS D 154 -31.31 28.78 14.98
C LYS D 154 -29.94 29.27 15.41
N HIS D 155 -28.90 28.96 14.64
CA HIS D 155 -27.57 29.22 15.14
C HIS D 155 -27.00 30.59 14.79
N THR D 156 -27.38 31.17 13.68
CA THR D 156 -26.83 32.48 13.36
C THR D 156 -27.68 33.61 13.91
N LYS D 157 -28.81 33.29 14.54
CA LYS D 157 -29.73 34.26 15.12
C LYS D 157 -30.34 35.16 14.07
N GLN D 158 -30.08 34.91 12.81
CA GLN D 158 -30.71 35.65 11.73
C GLN D 158 -32.10 35.11 11.44
N SER D 159 -32.93 35.95 10.85
CA SER D 159 -34.26 35.54 10.49
C SER D 159 -34.21 34.63 9.27
N LEU D 160 -35.34 34.00 8.99
CA LEU D 160 -35.38 33.04 7.90
C LEU D 160 -35.19 33.73 6.57
N GLN D 161 -35.73 34.92 6.43
CA GLN D 161 -35.72 35.57 5.13
C GLN D 161 -34.33 36.07 4.77
N VAL D 162 -33.60 36.60 5.75
CA VAL D 162 -32.25 37.06 5.46
C VAL D 162 -31.37 35.90 5.03
N ILE D 163 -31.51 34.76 5.69
CA ILE D 163 -30.74 33.57 5.33
C ILE D 163 -31.13 33.07 3.94
N GLU D 164 -32.43 33.02 3.65
CA GLU D 164 -32.88 32.55 2.35
C GLU D 164 -32.30 33.37 1.22
N SER D 165 -32.33 34.69 1.35
CA SER D 165 -31.79 35.51 0.28
C SER D 165 -30.27 35.46 0.27
N ALA D 166 -29.65 35.40 1.44
CA ALA D 166 -28.20 35.47 1.46
C ALA D 166 -27.58 34.16 1.03
N MET D 167 -28.21 33.03 1.35
CA MET D 167 -27.63 31.76 0.96
C MET D 167 -27.66 31.56 -0.54
N GLU D 168 -28.59 32.21 -1.23
CA GLU D 168 -28.63 32.08 -2.68
C GLU D 168 -27.57 32.91 -3.36
N ARG D 169 -26.89 33.78 -2.64
CA ARG D 169 -25.84 34.57 -3.22
C ARG D 169 -24.55 33.75 -3.19
N ASP D 170 -23.92 33.58 -4.34
CA ASP D 170 -22.68 32.82 -4.41
C ASP D 170 -21.50 33.76 -4.29
N ARG D 171 -20.94 33.83 -3.09
CA ARG D 171 -19.81 34.70 -2.85
C ARG D 171 -19.18 34.39 -1.50
N TYR D 172 -17.87 34.20 -1.49
CA TYR D 172 -17.16 34.00 -0.24
C TYR D 172 -17.20 35.29 0.58
N MET D 173 -17.28 35.13 1.87
CA MET D 173 -17.46 36.24 2.78
C MET D 173 -16.21 36.43 3.62
N SER D 174 -15.87 37.68 3.90
CA SER D 174 -14.78 37.96 4.81
C SER D 174 -15.20 37.57 6.23
N PRO D 175 -14.23 37.29 7.09
CA PRO D 175 -14.57 37.02 8.49
C PRO D 175 -15.31 38.17 9.18
N MET D 176 -15.09 39.42 8.78
CA MET D 176 -15.88 40.51 9.35
C MET D 176 -17.34 40.39 8.97
N GLU D 177 -17.62 40.12 7.69
CA GLU D 177 -19.01 39.97 7.25
C GLU D 177 -19.68 38.79 7.93
N ALA D 178 -18.95 37.69 8.08
CA ALA D 178 -19.48 36.54 8.80
C ALA D 178 -19.67 36.85 10.27
N GLN D 179 -18.83 37.70 10.83
CA GLN D 179 -18.99 38.11 12.22
C GLN D 179 -20.30 38.86 12.40
N GLU D 180 -20.58 39.79 11.50
CA GLU D 180 -21.79 40.56 11.57
C GLU D 180 -23.02 39.79 11.15
N PHE D 181 -22.82 38.68 10.44
CA PHE D 181 -23.93 37.79 10.14
C PHE D 181 -24.30 36.96 11.34
N GLY D 182 -23.39 36.82 12.29
CA GLY D 182 -23.62 36.07 13.49
C GLY D 182 -22.94 34.73 13.53
N ILE D 183 -22.30 34.32 12.44
CA ILE D 183 -21.72 32.99 12.40
C ILE D 183 -20.61 32.84 13.43
N LEU D 184 -19.74 33.84 13.52
CA LEU D 184 -18.57 33.71 14.37
C LEU D 184 -18.45 34.88 15.32
N ASP D 185 -17.77 34.64 16.43
CA ASP D 185 -17.82 35.51 17.58
C ASP D 185 -16.54 36.30 17.77
N LYS D 186 -15.46 35.89 17.14
CA LYS D 186 -14.20 36.60 17.32
C LYS D 186 -13.27 36.27 16.18
N VAL D 187 -12.70 37.32 15.59
CA VAL D 187 -11.61 37.23 14.63
C VAL D 187 -10.41 37.90 15.27
N LEU D 188 -9.33 37.16 15.45
CA LEU D 188 -8.20 37.71 16.19
C LEU D 188 -6.92 37.58 15.39
N VAL D 189 -5.88 38.25 15.87
CA VAL D 189 -4.55 38.16 15.29
C VAL D 189 -3.58 37.35 16.16
N HIS D 190 -3.73 37.41 17.48
CA HIS D 190 -2.97 36.75 18.53
C HIS D 190 -3.98 36.13 19.47
N PRO D 191 -3.56 35.17 20.30
CA PRO D 191 -4.50 34.55 21.23
C PRO D 191 -5.21 35.59 22.08
N PRO D 192 -4.52 36.66 22.53
CA PRO D 192 -5.37 37.64 23.22
C PRO D 192 -6.27 38.41 22.27
N ARG E 14 -5.25 5.79 11.08
CA ARG E 14 -6.17 6.31 12.08
C ARG E 14 -7.46 5.59 12.28
N ALA E 15 -8.07 5.18 11.18
CA ALA E 15 -9.44 4.71 11.26
C ALA E 15 -9.59 3.51 12.20
N TYR E 16 -8.79 2.48 12.01
CA TYR E 16 -9.08 1.21 12.65
C TYR E 16 -8.49 0.99 14.05
N ASP E 17 -7.92 2.00 14.72
CA ASP E 17 -7.57 1.76 16.11
C ASP E 17 -8.47 2.51 17.08
N ILE E 18 -8.97 3.69 16.71
CA ILE E 18 -10.05 4.30 17.48
C ILE E 18 -11.27 3.40 17.50
N TYR E 19 -11.59 2.78 16.36
CA TYR E 19 -12.70 1.84 16.35
C TYR E 19 -12.41 0.64 17.23
N SER E 20 -11.14 0.26 17.35
CA SER E 20 -10.78 -0.78 18.30
C SER E 20 -11.06 -0.30 19.71
N ARG E 21 -10.77 0.96 19.97
CA ARG E 21 -11.16 1.57 21.23
C ARG E 21 -12.68 1.57 21.35
N LEU E 22 -13.38 1.90 20.26
CA LEU E 22 -14.83 1.90 20.34
C LEU E 22 -15.40 0.50 20.52
N LEU E 23 -14.71 -0.52 20.00
CA LEU E 23 -15.11 -1.88 20.33
C LEU E 23 -15.08 -2.12 21.82
N ARG E 24 -14.19 -1.43 22.52
CA ARG E 24 -14.02 -1.61 23.96
C ARG E 24 -15.29 -1.24 24.70
N GLU E 25 -15.94 -0.16 24.31
CA GLU E 25 -17.22 0.19 24.91
C GLU E 25 -18.39 -0.24 24.03
N ARG E 26 -18.18 -1.27 23.22
CA ARG E 26 -19.25 -2.04 22.59
C ARG E 26 -20.07 -1.15 21.67
N ILE E 27 -19.37 -0.44 20.79
CA ILE E 27 -20.00 0.32 19.73
C ILE E 27 -19.54 -0.27 18.41
N VAL E 28 -20.48 -0.73 17.62
CA VAL E 28 -20.17 -1.32 16.33
C VAL E 28 -20.55 -0.27 15.30
N CYS E 29 -19.58 0.19 14.55
CA CYS E 29 -19.83 1.16 13.51
C CYS E 29 -20.15 0.40 12.23
N VAL E 30 -21.37 0.56 11.76
CA VAL E 30 -21.75 0.09 10.46
C VAL E 30 -21.93 1.33 9.60
N MET E 31 -20.90 1.69 8.86
CA MET E 31 -20.93 2.86 8.01
C MET E 31 -20.41 2.48 6.64
N GLY E 32 -20.84 3.22 5.63
CA GLY E 32 -20.53 2.89 4.27
C GLY E 32 -21.48 1.88 3.71
N PRO E 33 -21.44 1.66 2.40
CA PRO E 33 -22.34 0.69 1.77
C PRO E 33 -22.12 -0.69 2.37
N ILE E 34 -23.22 -1.37 2.65
CA ILE E 34 -23.13 -2.71 3.22
C ILE E 34 -22.69 -3.66 2.11
N ASP E 35 -21.49 -4.18 2.24
CA ASP E 35 -20.97 -5.19 1.34
C ASP E 35 -20.62 -6.39 2.20
N ASP E 36 -20.37 -7.53 1.56
CA ASP E 36 -20.09 -8.73 2.32
C ASP E 36 -18.86 -8.59 3.20
N SER E 37 -17.90 -7.75 2.82
CA SER E 37 -16.75 -7.56 3.71
C SER E 37 -17.14 -6.76 4.94
N VAL E 38 -17.98 -5.74 4.76
CA VAL E 38 -18.47 -5.02 5.93
C VAL E 38 -19.37 -5.93 6.75
N ALA E 39 -20.22 -6.70 6.07
CA ALA E 39 -21.14 -7.57 6.78
C ALA E 39 -20.40 -8.65 7.55
N SER E 40 -19.39 -9.25 6.93
CA SER E 40 -18.62 -10.28 7.61
C SER E 40 -17.82 -9.73 8.79
N LEU E 41 -17.28 -8.51 8.67
CA LEU E 41 -16.62 -7.88 9.81
C LEU E 41 -17.61 -7.49 10.90
N VAL E 42 -18.79 -7.00 10.53
CA VAL E 42 -19.77 -6.64 11.54
C VAL E 42 -20.23 -7.86 12.32
N ILE E 43 -20.51 -8.98 11.63
CA ILE E 43 -20.93 -10.16 12.38
C ILE E 43 -19.78 -10.70 13.20
N ALA E 44 -18.55 -10.54 12.74
CA ALA E 44 -17.41 -11.02 13.50
C ALA E 44 -17.29 -10.26 14.81
N GLN E 45 -17.47 -8.94 14.74
CA GLN E 45 -17.56 -8.14 15.96
C GLN E 45 -18.74 -8.56 16.82
N LEU E 46 -19.89 -8.84 16.22
CA LEU E 46 -21.08 -9.17 17.00
C LEU E 46 -20.89 -10.45 17.80
N LEU E 47 -20.41 -11.51 17.16
CA LEU E 47 -20.17 -12.74 17.90
C LEU E 47 -19.13 -12.54 18.99
N PHE E 48 -18.07 -11.80 18.66
CA PHE E 48 -17.02 -11.50 19.62
C PHE E 48 -17.56 -10.77 20.84
N LEU E 49 -18.40 -9.76 20.63
CA LEU E 49 -18.94 -9.02 21.76
C LEU E 49 -19.88 -9.86 22.62
N GLN E 50 -20.63 -10.78 22.01
CA GLN E 50 -21.44 -11.72 22.78
C GLN E 50 -20.57 -12.65 23.61
N SER E 51 -19.43 -13.02 23.06
CA SER E 51 -18.50 -13.90 23.75
C SER E 51 -17.91 -13.24 24.98
N GLU E 52 -17.75 -11.91 24.96
CA GLU E 52 -17.32 -11.22 26.16
C GLU E 52 -18.34 -11.29 27.28
N SER E 53 -19.62 -11.04 26.98
CA SER E 53 -20.66 -11.10 28.01
C SER E 53 -21.99 -11.45 27.37
N ASN E 54 -22.73 -12.36 27.97
CA ASN E 54 -24.01 -12.75 27.39
C ASN E 54 -25.15 -11.82 27.76
N LYS E 55 -24.92 -10.80 28.59
CA LYS E 55 -26.05 -10.02 29.05
C LYS E 55 -25.95 -8.51 28.82
N LYS E 56 -24.81 -7.97 28.57
CA LYS E 56 -24.62 -6.52 28.51
C LYS E 56 -25.06 -5.95 27.15
N PRO E 57 -25.44 -4.67 27.10
CA PRO E 57 -25.92 -4.09 25.84
C PRO E 57 -24.82 -3.91 24.80
N ILE E 58 -25.26 -3.76 23.57
CA ILE E 58 -24.40 -3.48 22.43
C ILE E 58 -24.93 -2.26 21.71
N HIS E 59 -24.04 -1.34 21.35
CA HIS E 59 -24.44 -0.12 20.67
C HIS E 59 -24.05 -0.21 19.20
N MET E 60 -25.01 0.04 18.31
CA MET E 60 -24.82 -0.04 16.87
C MET E 60 -25.09 1.32 16.24
N TYR E 61 -24.15 1.82 15.45
CA TYR E 61 -24.27 3.13 14.83
C TYR E 61 -24.40 2.96 13.32
N ILE E 62 -25.51 3.42 12.77
CA ILE E 62 -25.85 3.21 11.36
C ILE E 62 -25.74 4.53 10.62
N ASN E 63 -24.90 4.56 9.60
CA ASN E 63 -24.97 5.58 8.55
C ASN E 63 -24.60 4.89 7.24
N SER E 64 -25.59 4.32 6.58
CA SER E 64 -25.26 3.55 5.43
C SER E 64 -26.27 3.85 4.32
N PRO E 65 -25.83 4.14 3.17
CA PRO E 65 -26.69 4.20 1.99
C PRO E 65 -27.00 2.82 1.42
N GLY E 66 -27.48 1.93 2.26
CA GLY E 66 -27.89 0.58 1.92
C GLY E 66 -26.75 -0.34 1.52
N GLY E 67 -27.11 -1.39 0.79
CA GLY E 67 -26.11 -2.34 0.35
C GLY E 67 -26.74 -3.67 -0.04
N VAL E 68 -25.87 -4.68 -0.12
CA VAL E 68 -26.23 -5.98 -0.67
C VAL E 68 -27.12 -6.76 0.27
N VAL E 69 -28.23 -7.27 -0.27
CA VAL E 69 -29.32 -7.76 0.56
C VAL E 69 -28.92 -9.05 1.27
N THR E 70 -28.25 -9.96 0.57
CA THR E 70 -27.92 -11.23 1.19
C THR E 70 -26.93 -11.07 2.34
N ALA E 71 -26.08 -10.07 2.30
CA ALA E 71 -25.21 -9.84 3.45
C ALA E 71 -25.91 -9.04 4.53
N GLY E 72 -26.80 -8.13 4.16
CA GLY E 72 -27.55 -7.43 5.20
C GLY E 72 -28.46 -8.36 5.95
N LEU E 73 -28.99 -9.38 5.28
CA LEU E 73 -29.70 -10.44 5.99
C LEU E 73 -28.77 -11.28 6.85
N ALA E 74 -27.53 -11.49 6.40
CA ALA E 74 -26.55 -12.09 7.28
C ALA E 74 -26.32 -11.23 8.50
N ILE E 75 -26.23 -9.91 8.34
CA ILE E 75 -26.13 -9.06 9.52
C ILE E 75 -27.41 -9.15 10.33
N TYR E 76 -28.56 -9.07 9.67
CA TYR E 76 -29.83 -9.10 10.39
C TYR E 76 -30.04 -10.42 11.13
N ASP E 77 -29.72 -11.55 10.51
CA ASP E 77 -29.86 -12.84 11.18
C ASP E 77 -28.99 -12.94 12.40
N THR E 78 -27.76 -12.46 12.31
CA THR E 78 -26.89 -12.48 13.48
C THR E 78 -27.50 -11.67 14.61
N MET E 79 -28.05 -10.51 14.30
CA MET E 79 -28.63 -9.69 15.35
C MET E 79 -29.81 -10.38 16.03
N GLN E 80 -30.67 -11.06 15.27
CA GLN E 80 -31.71 -11.80 15.96
C GLN E 80 -31.16 -13.02 16.70
N TYR E 81 -30.00 -13.52 16.29
CA TYR E 81 -29.40 -14.67 16.95
C TYR E 81 -28.94 -14.34 18.36
N ILE E 82 -28.30 -13.19 18.54
CA ILE E 82 -27.51 -12.91 19.74
C ILE E 82 -28.42 -12.83 20.97
N LEU E 83 -27.84 -13.09 22.14
CA LEU E 83 -28.56 -12.92 23.38
C LEU E 83 -28.53 -11.49 23.92
N ASN E 84 -27.41 -10.79 23.76
CA ASN E 84 -27.30 -9.43 24.26
C ASN E 84 -28.29 -8.51 23.55
N PRO E 85 -28.96 -7.63 24.27
CA PRO E 85 -29.81 -6.64 23.60
C PRO E 85 -28.98 -5.70 22.73
N ILE E 86 -29.54 -5.37 21.57
CA ILE E 86 -28.87 -4.54 20.56
C ILE E 86 -29.57 -3.21 20.45
N CYS E 87 -28.82 -2.12 20.56
CA CYS E 87 -29.36 -0.78 20.47
C CYS E 87 -28.81 -0.09 19.23
N THR E 88 -29.71 0.32 18.34
CA THR E 88 -29.34 0.87 17.04
C THR E 88 -29.48 2.38 17.06
N TRP E 89 -28.41 3.09 16.75
CA TRP E 89 -28.42 4.55 16.77
C TRP E 89 -28.25 5.04 15.34
N CYS E 90 -29.34 5.45 14.70
CA CYS E 90 -29.24 5.98 13.35
C CYS E 90 -28.73 7.41 13.38
N VAL E 91 -27.64 7.64 12.69
CA VAL E 91 -27.10 8.97 12.47
C VAL E 91 -27.05 9.15 10.96
N GLY E 92 -27.20 10.38 10.52
CA GLY E 92 -27.14 10.63 9.10
C GLY E 92 -28.26 9.98 8.33
N GLN E 93 -27.97 8.99 7.51
CA GLN E 93 -29.00 8.38 6.70
C GLN E 93 -28.95 6.87 6.84
N ALA E 94 -30.12 6.26 6.86
CA ALA E 94 -30.27 4.82 6.82
C ALA E 94 -31.15 4.45 5.63
N ALA E 95 -30.60 3.75 4.66
CA ALA E 95 -31.35 3.41 3.47
C ALA E 95 -31.44 1.91 3.28
N SER E 96 -32.58 1.48 2.74
CA SER E 96 -32.78 0.11 2.26
C SER E 96 -32.45 -0.94 3.30
N MET E 97 -31.51 -1.82 2.96
CA MET E 97 -31.04 -2.83 3.89
C MET E 97 -30.52 -2.25 5.20
N GLY E 98 -29.94 -1.05 5.17
CA GLY E 98 -29.56 -0.40 6.41
C GLY E 98 -30.73 -0.08 7.32
N SER E 99 -31.88 0.21 6.74
CA SER E 99 -33.10 0.42 7.53
C SER E 99 -33.58 -0.87 8.18
N LEU E 100 -33.25 -2.02 7.60
CA LEU E 100 -33.56 -3.29 8.24
C LEU E 100 -32.76 -3.50 9.51
N LEU E 101 -31.49 -3.12 9.51
CA LEU E 101 -30.73 -3.13 10.75
C LEU E 101 -31.32 -2.18 11.78
N LEU E 102 -31.80 -1.01 11.34
CA LEU E 102 -32.38 -0.05 12.27
C LEU E 102 -33.63 -0.59 12.94
N ALA E 103 -34.51 -1.24 12.19
CA ALA E 103 -35.69 -1.84 12.79
C ALA E 103 -35.36 -3.01 13.71
N ALA E 104 -34.28 -3.73 13.46
CA ALA E 104 -34.06 -4.99 14.14
C ALA E 104 -33.46 -4.88 15.52
N GLY E 105 -33.19 -3.70 16.04
CA GLY E 105 -32.72 -3.61 17.40
C GLY E 105 -33.77 -4.08 18.36
N THR E 106 -33.39 -4.24 19.62
CA THR E 106 -34.35 -4.67 20.61
C THR E 106 -35.47 -3.65 20.70
N PRO E 107 -36.72 -4.07 20.66
CA PRO E 107 -37.84 -3.12 20.79
C PRO E 107 -37.74 -2.30 22.06
N GLY E 108 -37.70 -0.97 21.87
CA GLY E 108 -37.41 -0.02 22.91
C GLY E 108 -36.03 0.59 22.86
N MET E 109 -35.19 0.20 21.91
CA MET E 109 -33.81 0.68 21.88
C MET E 109 -33.41 1.04 20.46
N ARG E 110 -34.30 1.67 19.71
CA ARG E 110 -34.00 2.08 18.34
C ARG E 110 -34.17 3.59 18.24
N HIS E 111 -33.07 4.32 18.18
CA HIS E 111 -33.07 5.76 18.30
C HIS E 111 -32.52 6.42 17.05
N SER E 112 -32.68 7.73 17.01
CA SER E 112 -32.17 8.51 15.91
C SER E 112 -31.90 9.91 16.41
N LEU E 113 -30.97 10.57 15.73
CA LEU E 113 -30.74 11.96 15.98
C LEU E 113 -31.92 12.78 15.49
N PRO E 114 -32.06 14.01 15.96
CA PRO E 114 -33.18 14.82 15.49
C PRO E 114 -33.28 15.00 13.97
N ASN E 115 -32.19 15.03 13.23
CA ASN E 115 -32.31 15.30 11.80
C ASN E 115 -31.64 14.24 10.93
N SER E 116 -31.79 12.96 11.25
CA SER E 116 -31.39 11.90 10.34
C SER E 116 -32.36 11.76 9.17
N ARG E 117 -32.03 10.89 8.20
CA ARG E 117 -32.92 10.54 7.10
C ARG E 117 -33.06 9.02 6.90
N ILE E 118 -34.27 8.54 6.67
CA ILE E 118 -34.58 7.12 6.62
C ILE E 118 -35.32 6.78 5.33
N MET E 119 -34.98 5.66 4.71
CA MET E 119 -35.71 5.18 3.54
C MET E 119 -35.85 3.66 3.58
N ILE E 120 -37.06 3.15 3.35
CA ILE E 120 -37.27 1.70 3.38
C ILE E 120 -37.25 1.07 2.00
N HIS E 121 -37.44 1.84 0.93
CA HIS E 121 -37.29 1.34 -0.42
C HIS E 121 -35.89 0.78 -0.61
N GLN E 122 -35.77 -0.29 -1.40
CA GLN E 122 -34.46 -0.71 -1.89
C GLN E 122 -33.82 0.24 -2.89
N ALA E 138 -35.53 -12.41 -12.19
CA ALA E 138 -35.47 -13.77 -11.68
C ALA E 138 -36.34 -13.91 -10.45
N GLU E 139 -36.85 -15.13 -10.24
CA GLU E 139 -37.75 -15.37 -9.13
C GLU E 139 -37.09 -15.09 -7.79
N GLU E 140 -35.75 -15.09 -7.74
CA GLU E 140 -35.08 -14.87 -6.46
C GLU E 140 -35.27 -13.46 -5.95
N ILE E 141 -35.31 -12.48 -6.85
CA ILE E 141 -35.65 -11.13 -6.43
C ILE E 141 -37.05 -11.08 -5.83
N MET E 142 -38.01 -11.73 -6.49
CA MET E 142 -39.37 -11.74 -5.94
C MET E 142 -39.44 -12.41 -4.57
N LYS E 143 -38.78 -13.55 -4.39
CA LYS E 143 -38.83 -14.22 -3.10
C LYS E 143 -38.12 -13.42 -2.02
N LEU E 144 -36.99 -12.80 -2.37
CA LEU E 144 -36.28 -11.95 -1.43
C LEU E 144 -37.13 -10.79 -0.95
N LYS E 145 -37.90 -10.22 -1.87
CA LYS E 145 -38.84 -9.15 -1.54
C LYS E 145 -39.89 -9.60 -0.53
N LYS E 146 -40.44 -10.80 -0.70
CA LYS E 146 -41.45 -11.28 0.25
C LYS E 146 -40.92 -11.46 1.67
N GLN E 147 -39.73 -12.04 1.83
CA GLN E 147 -39.20 -12.27 3.17
C GLN E 147 -38.73 -11.00 3.87
N LEU E 148 -38.25 -10.00 3.12
CA LEU E 148 -38.01 -8.69 3.72
C LEU E 148 -39.27 -8.10 4.31
N TYR E 149 -40.40 -8.27 3.61
CA TYR E 149 -41.66 -7.74 4.11
C TYR E 149 -42.03 -8.33 5.45
N ASN E 150 -41.82 -9.64 5.61
CA ASN E 150 -42.12 -10.28 6.88
C ASN E 150 -41.25 -9.73 7.99
N ILE E 151 -39.97 -9.52 7.73
CA ILE E 151 -39.09 -8.96 8.74
C ILE E 151 -39.54 -7.57 9.14
N TYR E 152 -39.80 -6.70 8.15
CA TYR E 152 -40.29 -5.38 8.50
C TYR E 152 -41.59 -5.48 9.28
N ALA E 153 -42.51 -6.33 8.83
CA ALA E 153 -43.80 -6.47 9.48
C ALA E 153 -43.66 -6.95 10.91
N LYS E 154 -42.74 -7.87 11.16
CA LYS E 154 -42.58 -8.39 12.52
C LYS E 154 -42.06 -7.33 13.47
N HIS E 155 -41.11 -6.50 13.03
CA HIS E 155 -40.45 -5.58 13.93
C HIS E 155 -41.07 -4.19 13.94
N THR E 156 -41.84 -3.83 12.93
CA THR E 156 -42.46 -2.51 12.89
C THR E 156 -43.93 -2.54 13.25
N LYS E 157 -44.54 -3.72 13.31
CA LYS E 157 -45.94 -3.93 13.66
C LYS E 157 -46.92 -3.45 12.61
N GLN E 158 -46.48 -3.21 11.38
CA GLN E 158 -47.44 -2.89 10.33
C GLN E 158 -48.03 -4.16 9.74
N SER E 159 -49.08 -3.98 8.96
CA SER E 159 -49.58 -5.07 8.15
C SER E 159 -48.68 -5.21 6.93
N LEU E 160 -48.69 -6.41 6.35
CA LEU E 160 -47.91 -6.60 5.13
C LEU E 160 -48.44 -5.74 4.00
N GLN E 161 -49.74 -5.44 4.03
CA GLN E 161 -50.30 -4.49 3.08
C GLN E 161 -49.67 -3.12 3.26
N VAL E 162 -49.53 -2.66 4.50
CA VAL E 162 -48.89 -1.36 4.71
C VAL E 162 -47.46 -1.38 4.24
N ILE E 163 -46.73 -2.46 4.53
CA ILE E 163 -45.32 -2.51 4.14
C ILE E 163 -45.16 -2.55 2.63
N GLU E 164 -45.98 -3.31 1.91
CA GLU E 164 -45.94 -3.26 0.45
C GLU E 164 -46.09 -1.85 -0.08
N SER E 165 -47.13 -1.15 0.37
CA SER E 165 -47.38 0.20 -0.14
C SER E 165 -46.26 1.12 0.26
N ALA E 166 -45.82 1.02 1.51
CA ALA E 166 -44.81 1.94 2.03
C ALA E 166 -43.44 1.62 1.45
N MET E 167 -43.20 0.39 1.04
CA MET E 167 -41.91 0.05 0.47
C MET E 167 -41.81 0.47 -1.00
N GLU E 168 -42.91 0.61 -1.70
CA GLU E 168 -42.83 1.14 -3.06
C GLU E 168 -42.34 2.57 -3.06
N ARG E 169 -42.81 3.38 -2.13
CA ARG E 169 -42.50 4.80 -2.17
C ARG E 169 -41.03 5.07 -1.90
N ASP E 170 -40.43 5.90 -2.77
CA ASP E 170 -39.03 6.25 -2.79
C ASP E 170 -38.65 7.27 -1.73
N ARG E 171 -39.64 7.90 -1.11
CA ARG E 171 -39.37 9.08 -0.31
C ARG E 171 -38.67 8.74 0.98
N TYR E 172 -37.74 9.60 1.38
CA TYR E 172 -37.18 9.54 2.71
C TYR E 172 -38.19 10.01 3.73
N MET E 173 -38.18 9.38 4.88
CA MET E 173 -39.07 9.78 5.95
C MET E 173 -38.26 10.55 6.97
N SER E 174 -38.88 11.56 7.54
CA SER E 174 -38.25 12.27 8.62
C SER E 174 -38.18 11.36 9.84
N PRO E 175 -37.32 11.67 10.80
CA PRO E 175 -37.29 10.84 12.01
C PRO E 175 -38.63 10.77 12.72
N MET E 176 -39.38 11.87 12.75
CA MET E 176 -40.67 11.83 13.42
C MET E 176 -41.69 11.02 12.64
N GLU E 177 -41.55 10.96 11.32
CA GLU E 177 -42.38 10.09 10.52
C GLU E 177 -42.03 8.64 10.80
N ALA E 178 -40.75 8.37 11.01
CA ALA E 178 -40.30 7.02 11.32
C ALA E 178 -40.75 6.54 12.69
N GLN E 179 -40.78 7.43 13.70
CA GLN E 179 -41.27 7.01 15.00
C GLN E 179 -42.73 6.60 14.94
N GLU E 180 -43.57 7.43 14.32
CA GLU E 180 -44.98 7.09 14.19
C GLU E 180 -45.19 5.87 13.31
N PHE E 181 -44.28 5.63 12.38
CA PHE E 181 -44.37 4.42 11.57
C PHE E 181 -44.15 3.18 12.42
N GLY E 182 -43.27 3.26 13.42
CA GLY E 182 -42.94 2.16 14.29
C GLY E 182 -41.55 1.60 14.10
N ILE E 183 -40.82 2.11 13.11
CA ILE E 183 -39.44 1.68 12.87
C ILE E 183 -38.57 2.01 14.06
N LEU E 184 -38.73 3.21 14.61
CA LEU E 184 -37.97 3.65 15.74
C LEU E 184 -38.86 3.98 16.93
N ASP E 185 -38.24 4.06 18.09
CA ASP E 185 -38.98 4.31 19.32
C ASP E 185 -38.92 5.77 19.74
N LYS E 186 -37.73 6.37 19.71
CA LYS E 186 -37.57 7.67 20.32
C LYS E 186 -36.55 8.48 19.55
N VAL E 187 -36.73 9.80 19.57
CA VAL E 187 -35.83 10.70 18.85
C VAL E 187 -35.15 11.53 19.92
N LEU E 188 -33.86 11.72 19.78
CA LEU E 188 -33.06 12.44 20.78
C LEU E 188 -33.07 13.94 20.53
N VAL E 189 -34.27 14.52 20.54
CA VAL E 189 -34.36 15.97 20.33
C VAL E 189 -33.64 16.71 21.43
N HIS E 190 -33.52 16.09 22.60
CA HIS E 190 -32.87 16.72 23.72
C HIS E 190 -31.37 16.81 23.44
N ASP F 17 -5.79 -8.61 16.02
CA ASP F 17 -6.68 -8.60 14.86
C ASP F 17 -7.94 -9.41 15.15
N ILE F 18 -9.06 -9.00 14.57
CA ILE F 18 -10.34 -9.60 14.92
C ILE F 18 -10.48 -11.01 14.34
N TYR F 19 -10.11 -11.20 13.08
CA TYR F 19 -10.17 -12.54 12.50
C TYR F 19 -9.27 -13.53 13.22
N SER F 20 -8.08 -13.12 13.64
CA SER F 20 -7.24 -14.03 14.40
C SER F 20 -7.70 -14.21 15.85
N ARG F 21 -8.40 -13.24 16.41
CA ARG F 21 -9.11 -13.46 17.67
C ARG F 21 -10.16 -14.55 17.56
N LEU F 22 -10.87 -14.62 16.45
CA LEU F 22 -11.81 -15.71 16.23
C LEU F 22 -11.10 -17.06 16.08
N LEU F 23 -9.94 -17.09 15.44
CA LEU F 23 -9.19 -18.35 15.32
C LEU F 23 -8.78 -18.92 16.65
N ARG F 24 -8.46 -18.07 17.62
CA ARG F 24 -8.21 -18.52 18.98
C ARG F 24 -9.37 -19.34 19.51
N GLU F 25 -10.58 -18.95 19.14
CA GLU F 25 -11.81 -19.64 19.53
C GLU F 25 -12.20 -20.76 18.57
N ARG F 26 -11.33 -21.12 17.64
CA ARG F 26 -11.60 -22.16 16.63
C ARG F 26 -12.74 -21.82 15.68
N ILE F 27 -12.66 -20.65 15.05
CA ILE F 27 -13.60 -20.21 14.03
C ILE F 27 -12.83 -19.92 12.74
N VAL F 28 -13.29 -20.48 11.63
CA VAL F 28 -12.66 -20.26 10.33
C VAL F 28 -13.71 -19.66 9.39
N CYS F 29 -13.41 -18.50 8.83
CA CYS F 29 -14.36 -17.72 8.05
C CYS F 29 -14.08 -17.83 6.56
N VAL F 30 -14.91 -18.59 5.85
CA VAL F 30 -14.88 -18.59 4.39
C VAL F 30 -15.81 -17.49 3.93
N MET F 31 -15.32 -16.27 3.97
CA MET F 31 -16.11 -15.12 3.57
C MET F 31 -15.62 -14.67 2.21
N GLY F 32 -16.52 -14.53 1.27
CA GLY F 32 -16.16 -14.12 -0.06
C GLY F 32 -15.85 -15.29 -0.96
N PRO F 33 -15.41 -15.00 -2.19
CA PRO F 33 -15.22 -16.06 -3.17
C PRO F 33 -14.17 -17.07 -2.74
N ILE F 34 -14.43 -18.32 -3.11
CA ILE F 34 -13.51 -19.43 -2.81
C ILE F 34 -12.51 -19.51 -3.96
N ASP F 35 -11.49 -18.67 -3.87
CA ASP F 35 -10.48 -18.54 -4.90
C ASP F 35 -9.25 -19.27 -4.47
N ASP F 36 -8.33 -19.46 -5.42
CA ASP F 36 -7.07 -20.12 -5.09
C ASP F 36 -6.42 -19.47 -3.88
N SER F 37 -6.49 -18.14 -3.79
CA SER F 37 -5.90 -17.42 -2.68
C SER F 37 -6.53 -17.80 -1.33
N VAL F 38 -7.85 -17.87 -1.28
CA VAL F 38 -8.52 -18.16 0.00
C VAL F 38 -8.48 -19.63 0.34
N ALA F 39 -8.44 -20.51 -0.67
CA ALA F 39 -8.32 -21.94 -0.38
C ALA F 39 -7.01 -22.25 0.31
N SER F 40 -5.93 -21.63 -0.14
CA SER F 40 -4.65 -21.82 0.52
C SER F 40 -4.69 -21.43 2.00
N LEU F 41 -5.30 -20.29 2.33
CA LEU F 41 -5.42 -19.86 3.72
C LEU F 41 -6.30 -20.76 4.58
N VAL F 42 -7.45 -21.18 4.05
CA VAL F 42 -8.35 -22.00 4.86
C VAL F 42 -7.77 -23.38 5.10
N ILE F 43 -7.14 -23.97 4.09
CA ILE F 43 -6.46 -25.25 4.27
C ILE F 43 -5.41 -25.12 5.36
N ALA F 44 -4.62 -24.04 5.29
CA ALA F 44 -3.58 -23.80 6.27
C ALA F 44 -4.15 -23.61 7.67
N GLN F 45 -5.22 -22.83 7.80
CA GLN F 45 -5.83 -22.62 9.10
C GLN F 45 -6.39 -23.92 9.66
N LEU F 46 -6.98 -24.73 8.79
CA LEU F 46 -7.50 -26.02 9.21
C LEU F 46 -6.42 -26.95 9.73
N LEU F 47 -5.29 -27.02 9.04
CA LEU F 47 -4.18 -27.85 9.51
C LEU F 47 -3.67 -27.38 10.86
N PHE F 48 -3.65 -26.07 11.07
CA PHE F 48 -3.25 -25.54 12.36
C PHE F 48 -4.20 -26.00 13.46
N LEU F 49 -5.51 -25.86 13.24
CA LEU F 49 -6.47 -26.20 14.27
C LEU F 49 -6.55 -27.70 14.56
N GLN F 50 -6.19 -28.54 13.60
CA GLN F 50 -6.06 -29.95 13.90
C GLN F 50 -4.93 -30.21 14.90
N SER F 51 -3.88 -29.40 14.84
CA SER F 51 -2.74 -29.53 15.73
C SER F 51 -3.01 -28.96 17.12
N GLU F 52 -3.80 -27.89 17.21
CA GLU F 52 -4.12 -27.32 18.53
C GLU F 52 -4.83 -28.33 19.39
N SER F 53 -5.79 -29.04 18.83
CA SER F 53 -6.49 -30.08 19.55
C SER F 53 -6.88 -31.14 18.55
N ASN F 54 -6.77 -32.39 18.96
CA ASN F 54 -7.08 -33.51 18.08
C ASN F 54 -8.52 -33.94 18.21
N LYS F 55 -9.29 -33.29 19.07
CA LYS F 55 -10.66 -33.69 19.38
C LYS F 55 -11.66 -32.54 19.38
N LYS F 56 -11.20 -31.32 19.66
CA LYS F 56 -12.14 -30.24 19.88
C LYS F 56 -12.79 -29.81 18.56
N PRO F 57 -14.04 -29.37 18.61
CA PRO F 57 -14.74 -28.99 17.38
C PRO F 57 -14.15 -27.78 16.70
N ILE F 58 -14.23 -27.79 15.38
CA ILE F 58 -13.78 -26.68 14.54
C ILE F 58 -15.00 -26.10 13.85
N HIS F 59 -15.16 -24.79 13.96
CA HIS F 59 -16.36 -24.13 13.46
C HIS F 59 -16.04 -23.37 12.19
N MET F 60 -16.93 -23.45 11.22
CA MET F 60 -16.71 -22.83 9.93
C MET F 60 -17.92 -21.99 9.57
N TYR F 61 -17.69 -20.78 9.12
CA TYR F 61 -18.76 -19.87 8.75
C TYR F 61 -18.64 -19.61 7.26
N ILE F 62 -19.73 -19.81 6.54
CA ILE F 62 -19.75 -19.75 5.09
C ILE F 62 -20.68 -18.65 4.61
N ASN F 63 -20.14 -17.74 3.79
CA ASN F 63 -20.87 -16.70 3.04
C ASN F 63 -20.18 -16.57 1.68
N SER F 64 -20.43 -17.50 0.78
CA SER F 64 -19.67 -17.59 -0.45
C SER F 64 -20.59 -17.58 -1.65
N PRO F 65 -20.47 -16.60 -2.54
CA PRO F 65 -21.21 -16.69 -3.81
C PRO F 65 -20.74 -17.81 -4.69
N GLY F 66 -19.56 -18.34 -4.45
CA GLY F 66 -19.00 -19.35 -5.31
C GLY F 66 -17.50 -19.25 -5.32
N GLY F 67 -16.91 -19.86 -6.32
CA GLY F 67 -15.47 -19.93 -6.41
C GLY F 67 -15.09 -20.95 -7.46
N VAL F 68 -13.79 -21.11 -7.64
CA VAL F 68 -13.30 -22.07 -8.61
C VAL F 68 -13.36 -23.48 -8.04
N VAL F 69 -13.84 -24.42 -8.85
CA VAL F 69 -14.17 -25.77 -8.39
C VAL F 69 -12.97 -26.46 -7.77
N THR F 70 -11.81 -26.33 -8.41
CA THR F 70 -10.64 -27.05 -7.91
C THR F 70 -10.16 -26.51 -6.58
N ALA F 71 -10.44 -25.25 -6.28
CA ALA F 71 -10.08 -24.72 -4.97
C ALA F 71 -11.06 -25.16 -3.89
N GLY F 72 -12.35 -25.14 -4.19
CA GLY F 72 -13.32 -25.69 -3.27
C GLY F 72 -13.09 -27.16 -2.99
N LEU F 73 -12.68 -27.90 -4.00
CA LEU F 73 -12.35 -29.32 -3.80
C LEU F 73 -11.16 -29.50 -2.88
N ALA F 74 -10.17 -28.62 -2.96
CA ALA F 74 -9.06 -28.67 -2.01
C ALA F 74 -9.54 -28.41 -0.58
N ILE F 75 -10.49 -27.51 -0.38
CA ILE F 75 -11.03 -27.27 0.94
C ILE F 75 -11.83 -28.47 1.43
N TYR F 76 -12.67 -29.02 0.57
CA TYR F 76 -13.45 -30.20 0.93
C TYR F 76 -12.56 -31.38 1.30
N ASP F 77 -11.50 -31.60 0.51
CA ASP F 77 -10.58 -32.70 0.79
C ASP F 77 -9.98 -32.61 2.18
N THR F 78 -9.48 -31.44 2.55
CA THR F 78 -8.89 -31.24 3.87
C THR F 78 -9.91 -31.42 4.98
N MET F 79 -11.09 -30.82 4.82
CA MET F 79 -12.15 -30.98 5.81
C MET F 79 -12.44 -32.44 6.07
N GLN F 80 -12.36 -33.28 5.04
CA GLN F 80 -12.55 -34.71 5.23
C GLN F 80 -11.36 -35.37 5.94
N TYR F 81 -10.14 -34.93 5.65
CA TYR F 81 -8.98 -35.50 6.34
C TYR F 81 -8.86 -35.04 7.79
N ILE F 82 -9.17 -33.79 8.08
CA ILE F 82 -9.15 -33.34 9.47
C ILE F 82 -10.06 -34.25 10.29
N LEU F 83 -9.51 -34.84 11.36
CA LEU F 83 -10.29 -35.78 12.16
C LEU F 83 -11.48 -35.13 12.84
N ASN F 84 -11.35 -33.87 13.23
CA ASN F 84 -12.25 -33.27 14.19
C ASN F 84 -13.64 -33.06 13.62
N PRO F 85 -14.64 -32.94 14.50
CA PRO F 85 -15.97 -32.53 14.06
C PRO F 85 -15.95 -31.09 13.58
N ILE F 86 -16.38 -30.91 12.34
CA ILE F 86 -16.47 -29.62 11.71
C ILE F 86 -17.92 -29.17 11.73
N CYS F 87 -18.19 -28.05 12.37
CA CYS F 87 -19.50 -27.43 12.36
C CYS F 87 -19.50 -26.37 11.28
N THR F 88 -20.33 -26.56 10.28
CA THR F 88 -20.46 -25.61 9.18
C THR F 88 -21.68 -24.75 9.48
N TRP F 89 -21.46 -23.45 9.59
CA TRP F 89 -22.54 -22.51 9.85
C TRP F 89 -22.73 -21.69 8.59
N CYS F 90 -23.93 -21.74 8.03
CA CYS F 90 -24.28 -20.88 6.92
C CYS F 90 -24.72 -19.54 7.47
N VAL F 91 -24.02 -18.48 7.10
CA VAL F 91 -24.35 -17.13 7.51
C VAL F 91 -24.41 -16.27 6.26
N GLY F 92 -25.60 -15.96 5.78
CA GLY F 92 -25.76 -15.41 4.45
C GLY F 92 -26.05 -16.48 3.44
N GLN F 93 -25.26 -16.51 2.36
CA GLN F 93 -25.56 -17.39 1.24
C GLN F 93 -24.45 -18.41 1.06
N ALA F 94 -24.84 -19.58 0.58
CA ALA F 94 -23.92 -20.67 0.29
C ALA F 94 -24.23 -21.14 -1.11
N ALA F 95 -23.57 -20.52 -2.09
CA ALA F 95 -23.85 -20.77 -3.49
C ALA F 95 -22.70 -21.55 -4.12
N SER F 96 -23.06 -22.47 -4.99
CA SER F 96 -22.11 -23.37 -5.63
C SER F 96 -21.22 -24.11 -4.65
N MET F 97 -19.92 -23.89 -4.72
CA MET F 97 -18.96 -24.63 -3.89
C MET F 97 -19.20 -24.47 -2.39
N GLY F 98 -19.69 -23.32 -1.95
CA GLY F 98 -19.97 -23.17 -0.53
C GLY F 98 -20.96 -24.17 0.03
N SER F 99 -21.92 -24.59 -0.76
CA SER F 99 -22.88 -25.60 -0.31
C SER F 99 -22.28 -26.99 -0.22
N LEU F 100 -21.30 -27.30 -1.06
CA LEU F 100 -20.57 -28.53 -0.88
C LEU F 100 -19.77 -28.50 0.42
N LEU F 101 -19.17 -27.36 0.72
CA LEU F 101 -18.48 -27.22 2.00
C LEU F 101 -19.47 -27.33 3.14
N LEU F 102 -20.61 -26.67 3.00
CA LEU F 102 -21.67 -26.76 4.00
C LEU F 102 -22.17 -28.18 4.19
N ALA F 103 -22.37 -28.91 3.11
CA ALA F 103 -22.75 -30.31 3.19
C ALA F 103 -21.65 -31.22 3.68
N ALA F 104 -20.40 -30.76 3.72
CA ALA F 104 -19.31 -31.60 4.18
C ALA F 104 -19.01 -31.43 5.64
N GLY F 105 -19.85 -30.71 6.36
CA GLY F 105 -19.75 -30.70 7.81
C GLY F 105 -20.08 -32.06 8.36
N THR F 106 -19.48 -32.39 9.49
CA THR F 106 -19.66 -33.71 10.04
C THR F 106 -21.14 -33.92 10.36
N PRO F 107 -21.73 -35.04 9.97
CA PRO F 107 -23.18 -35.18 10.08
C PRO F 107 -23.64 -34.98 11.51
N GLY F 108 -24.75 -34.28 11.66
CA GLY F 108 -25.24 -33.93 12.95
C GLY F 108 -24.95 -32.50 13.35
N MET F 109 -24.02 -31.84 12.68
CA MET F 109 -23.68 -30.47 13.04
C MET F 109 -23.50 -29.58 11.82
N ARG F 110 -24.39 -29.70 10.85
CA ARG F 110 -24.53 -28.74 9.77
C ARG F 110 -25.72 -27.85 10.06
N HIS F 111 -25.50 -26.54 10.16
CA HIS F 111 -26.50 -25.61 10.67
C HIS F 111 -26.67 -24.46 9.70
N SER F 112 -27.79 -23.76 9.82
CA SER F 112 -27.99 -22.56 9.03
C SER F 112 -28.96 -21.63 9.74
N LEU F 113 -28.80 -20.35 9.45
CA LEU F 113 -29.66 -19.34 10.05
C LEU F 113 -30.97 -19.27 9.27
N PRO F 114 -32.04 -18.77 9.89
CA PRO F 114 -33.36 -18.89 9.25
C PRO F 114 -33.45 -18.26 7.89
N ASN F 115 -32.79 -17.14 7.66
CA ASN F 115 -32.99 -16.40 6.43
C ASN F 115 -31.84 -16.60 5.43
N SER F 116 -31.02 -17.64 5.60
CA SER F 116 -29.99 -18.01 4.64
C SER F 116 -30.53 -18.38 3.25
N ARG F 117 -29.67 -18.22 2.23
CA ARG F 117 -29.94 -18.52 0.83
C ARG F 117 -28.94 -19.56 0.32
N ILE F 118 -29.42 -20.73 -0.09
CA ILE F 118 -28.55 -21.86 -0.43
C ILE F 118 -28.77 -22.27 -1.88
N MET F 119 -27.67 -22.58 -2.59
CA MET F 119 -27.77 -22.94 -3.99
C MET F 119 -26.74 -23.98 -4.39
N ILE F 120 -27.21 -25.18 -4.77
CA ILE F 120 -26.30 -26.25 -5.16
C ILE F 120 -25.92 -26.18 -6.63
N HIS F 121 -26.72 -25.53 -7.46
CA HIS F 121 -26.45 -25.42 -8.89
C HIS F 121 -25.04 -24.91 -9.19
N GLN F 122 -24.54 -25.32 -10.37
CA GLN F 122 -23.20 -24.98 -10.84
C GLN F 122 -23.22 -24.25 -12.17
N ALA F 138 -16.17 -28.87 -22.06
CA ALA F 138 -15.35 -29.95 -22.61
C ALA F 138 -15.43 -31.19 -21.75
N GLU F 139 -14.69 -32.22 -22.15
CA GLU F 139 -14.72 -33.49 -21.44
C GLU F 139 -14.22 -33.31 -20.01
N GLU F 140 -13.21 -32.46 -19.82
CA GLU F 140 -12.56 -32.35 -18.54
C GLU F 140 -13.45 -31.67 -17.52
N ILE F 141 -14.29 -30.73 -17.94
CA ILE F 141 -15.27 -30.17 -17.03
C ILE F 141 -16.33 -31.21 -16.69
N MET F 142 -16.72 -32.01 -17.69
CA MET F 142 -17.62 -33.13 -17.44
C MET F 142 -17.05 -34.08 -16.41
N LYS F 143 -15.77 -34.42 -16.54
CA LYS F 143 -15.18 -35.36 -15.59
C LYS F 143 -15.17 -34.75 -14.20
N LEU F 144 -14.80 -33.48 -14.09
CA LEU F 144 -14.80 -32.81 -12.80
C LEU F 144 -16.22 -32.70 -12.25
N LYS F 145 -17.21 -32.53 -13.12
CA LYS F 145 -18.57 -32.36 -12.66
C LYS F 145 -19.21 -33.69 -12.29
N LYS F 146 -18.80 -34.78 -12.94
CA LYS F 146 -19.17 -36.11 -12.47
C LYS F 146 -18.66 -36.40 -11.08
N GLN F 147 -17.50 -35.85 -10.70
CA GLN F 147 -17.02 -35.98 -9.33
C GLN F 147 -17.92 -35.25 -8.33
N LEU F 148 -18.34 -34.03 -8.68
CA LEU F 148 -19.23 -33.27 -7.82
C LEU F 148 -20.50 -34.02 -7.47
N TYR F 149 -21.05 -34.74 -8.44
CA TYR F 149 -22.25 -35.52 -8.20
C TYR F 149 -22.09 -36.48 -7.03
N ASN F 150 -21.04 -37.31 -7.03
CA ASN F 150 -20.93 -38.35 -6.01
C ASN F 150 -20.64 -37.76 -4.64
N ILE F 151 -19.87 -36.68 -4.61
CA ILE F 151 -19.51 -36.11 -3.33
C ILE F 151 -20.71 -35.46 -2.68
N TYR F 152 -21.60 -34.86 -3.48
CA TYR F 152 -22.92 -34.51 -2.96
C TYR F 152 -23.73 -35.73 -2.62
N ALA F 153 -23.68 -36.76 -3.46
CA ALA F 153 -24.53 -37.91 -3.28
C ALA F 153 -24.23 -38.63 -1.98
N LYS F 154 -22.97 -38.78 -1.64
CA LYS F 154 -22.69 -39.55 -0.44
C LYS F 154 -22.89 -38.73 0.82
N HIS F 155 -23.04 -37.42 0.69
CA HIS F 155 -23.28 -36.56 1.86
C HIS F 155 -24.72 -36.13 2.01
N THR F 156 -25.47 -36.03 0.91
CA THR F 156 -26.89 -35.72 1.00
C THR F 156 -27.76 -36.96 1.03
N LYS F 157 -27.18 -38.13 0.86
CA LYS F 157 -27.91 -39.40 0.88
C LYS F 157 -29.01 -39.42 -0.18
N GLN F 158 -28.72 -38.91 -1.37
CA GLN F 158 -29.66 -38.87 -2.47
C GLN F 158 -29.18 -39.74 -3.62
N SER F 159 -30.13 -40.23 -4.43
CA SER F 159 -29.78 -40.95 -5.65
C SER F 159 -29.14 -40.03 -6.67
N LEU F 160 -28.19 -40.57 -7.45
CA LEU F 160 -27.41 -39.72 -8.35
C LEU F 160 -28.29 -39.03 -9.36
N GLN F 161 -29.35 -39.69 -9.80
CA GLN F 161 -30.28 -39.01 -10.69
C GLN F 161 -30.99 -37.88 -9.97
N VAL F 162 -31.18 -38.02 -8.66
CA VAL F 162 -31.80 -36.93 -7.91
C VAL F 162 -30.85 -35.75 -7.81
N ILE F 163 -29.57 -36.02 -7.54
CA ILE F 163 -28.59 -34.94 -7.54
C ILE F 163 -28.46 -34.31 -8.92
N GLU F 164 -28.56 -35.11 -9.97
CA GLU F 164 -28.56 -34.58 -11.33
C GLU F 164 -29.62 -33.50 -11.51
N SER F 165 -30.87 -33.79 -11.13
CA SER F 165 -31.95 -32.84 -11.36
C SER F 165 -31.89 -31.65 -10.42
N ALA F 166 -31.45 -31.85 -9.18
CA ALA F 166 -31.44 -30.75 -8.23
C ALA F 166 -30.19 -29.89 -8.35
N MET F 167 -29.19 -30.35 -9.08
CA MET F 167 -28.03 -29.55 -9.41
C MET F 167 -28.18 -28.88 -10.78
N GLU F 168 -29.29 -29.12 -11.46
CA GLU F 168 -29.51 -28.50 -12.74
C GLU F 168 -30.27 -27.20 -12.63
N ARG F 169 -31.14 -27.08 -11.64
CA ARG F 169 -32.06 -25.95 -11.53
C ARG F 169 -31.37 -24.76 -10.88
N ASP F 170 -31.34 -23.63 -11.56
CA ASP F 170 -30.71 -22.43 -11.04
C ASP F 170 -31.76 -21.74 -10.19
N ARG F 171 -31.76 -22.06 -8.90
CA ARG F 171 -32.73 -21.48 -7.98
C ARG F 171 -32.22 -21.67 -6.57
N TYR F 172 -32.10 -20.58 -5.82
CA TYR F 172 -31.72 -20.71 -4.42
C TYR F 172 -32.90 -21.24 -3.61
N MET F 173 -32.58 -22.03 -2.59
CA MET F 173 -33.59 -22.70 -1.80
C MET F 173 -33.41 -22.38 -0.33
N SER F 174 -34.52 -22.34 0.38
CA SER F 174 -34.52 -21.94 1.77
C SER F 174 -33.86 -23.00 2.64
N PRO F 175 -33.43 -22.63 3.85
CA PRO F 175 -32.85 -23.65 4.74
C PRO F 175 -33.80 -24.79 5.06
N MET F 176 -35.09 -24.49 5.20
CA MET F 176 -36.07 -25.54 5.44
C MET F 176 -36.18 -26.50 4.26
N GLU F 177 -36.18 -25.97 3.04
CA GLU F 177 -36.19 -26.81 1.87
C GLU F 177 -34.90 -27.62 1.74
N ALA F 178 -33.77 -27.01 2.09
CA ALA F 178 -32.49 -27.71 2.06
C ALA F 178 -32.40 -28.82 3.10
N GLN F 179 -33.10 -28.67 4.22
CA GLN F 179 -33.07 -29.70 5.25
C GLN F 179 -33.71 -30.98 4.74
N GLU F 180 -34.82 -30.86 4.02
CA GLU F 180 -35.44 -32.05 3.47
C GLU F 180 -34.66 -32.63 2.30
N PHE F 181 -33.90 -31.81 1.59
CA PHE F 181 -33.03 -32.33 0.55
C PHE F 181 -31.82 -33.06 1.14
N GLY F 182 -31.27 -32.55 2.24
CA GLY F 182 -30.19 -33.27 2.88
C GLY F 182 -28.92 -32.47 3.12
N ILE F 183 -28.97 -31.16 2.95
CA ILE F 183 -27.78 -30.35 3.17
C ILE F 183 -27.63 -29.96 4.64
N LEU F 184 -28.71 -29.67 5.34
CA LEU F 184 -28.61 -29.13 6.68
C LEU F 184 -29.18 -30.10 7.71
N ASP F 185 -28.83 -29.85 8.96
CA ASP F 185 -29.34 -30.57 10.12
C ASP F 185 -30.18 -29.73 11.06
N LYS F 186 -29.85 -28.46 11.27
CA LYS F 186 -30.71 -27.61 12.08
C LYS F 186 -30.83 -26.23 11.47
N VAL F 187 -32.05 -25.68 11.49
CA VAL F 187 -32.32 -24.30 11.07
C VAL F 187 -32.64 -23.51 12.33
N LEU F 188 -31.67 -22.76 12.83
CA LEU F 188 -31.75 -22.22 14.18
C LEU F 188 -32.17 -20.77 14.19
N VAL F 189 -32.97 -20.38 15.17
CA VAL F 189 -33.35 -18.99 15.34
C VAL F 189 -32.68 -18.34 16.54
N HIS F 190 -32.47 -19.09 17.63
CA HIS F 190 -31.63 -18.79 18.77
C HIS F 190 -30.95 -20.07 19.20
N PRO F 191 -29.88 -20.00 20.00
CA PRO F 191 -29.20 -21.26 20.23
C PRO F 191 -29.96 -22.19 21.16
N ASP G 17 1.49 -14.23 10.66
CA ASP G 17 1.37 -15.00 9.44
C ASP G 17 1.14 -16.47 9.72
N ILE G 18 0.01 -17.03 9.25
CA ILE G 18 -0.14 -18.46 9.30
C ILE G 18 0.87 -19.14 8.39
N TYR G 19 1.23 -18.49 7.28
CA TYR G 19 2.28 -19.01 6.41
C TYR G 19 3.63 -19.16 7.10
N SER G 20 4.05 -18.16 7.87
CA SER G 20 5.34 -18.27 8.55
C SER G 20 5.29 -19.22 9.73
N ARG G 21 4.12 -19.40 10.32
CA ARG G 21 4.00 -20.40 11.37
C ARG G 21 3.93 -21.79 10.81
N LEU G 22 3.69 -21.94 9.51
CA LEU G 22 3.83 -23.26 8.94
C LEU G 22 5.27 -23.55 8.54
N LEU G 23 6.11 -22.52 8.44
CA LEU G 23 7.52 -22.75 8.16
C LEU G 23 8.24 -23.31 9.38
N ARG G 24 7.74 -23.04 10.59
CA ARG G 24 8.39 -23.60 11.77
C ARG G 24 8.25 -25.11 11.81
N GLU G 25 7.15 -25.65 11.26
CA GLU G 25 6.95 -27.08 11.23
C GLU G 25 7.36 -27.70 9.91
N ARG G 26 8.33 -27.09 9.23
CA ARG G 26 8.87 -27.65 7.99
C ARG G 26 7.80 -27.90 6.93
N ILE G 27 7.00 -26.90 6.62
CA ILE G 27 6.01 -27.00 5.56
C ILE G 27 6.23 -25.84 4.59
N VAL G 28 6.36 -26.17 3.31
CA VAL G 28 6.51 -25.20 2.24
C VAL G 28 5.26 -25.30 1.36
N CYS G 29 4.58 -24.18 1.17
CA CYS G 29 3.31 -24.16 0.45
C CYS G 29 3.48 -23.52 -0.92
N VAL G 30 3.72 -24.35 -1.93
CA VAL G 30 3.86 -23.87 -3.30
C VAL G 30 2.45 -23.83 -3.89
N MET G 31 1.81 -22.69 -3.77
CA MET G 31 0.45 -22.54 -4.18
C MET G 31 0.36 -21.30 -5.05
N GLY G 32 -0.52 -21.35 -6.04
CA GLY G 32 -0.59 -20.30 -7.02
C GLY G 32 0.36 -20.57 -8.17
N PRO G 33 0.24 -19.80 -9.24
CA PRO G 33 1.10 -20.03 -10.40
C PRO G 33 2.56 -19.85 -10.07
N ILE G 34 3.39 -20.72 -10.66
CA ILE G 34 4.83 -20.68 -10.43
C ILE G 34 5.42 -19.56 -11.25
N ASP G 35 6.13 -18.65 -10.59
CA ASP G 35 6.83 -17.58 -11.26
C ASP G 35 8.16 -17.39 -10.57
N ASP G 36 9.03 -16.61 -11.19
CA ASP G 36 10.29 -16.24 -10.56
C ASP G 36 10.12 -15.68 -9.16
N SER G 37 9.00 -15.00 -8.90
CA SER G 37 8.74 -14.54 -7.55
C SER G 37 8.43 -15.71 -6.63
N VAL G 38 7.59 -16.63 -7.07
CA VAL G 38 7.31 -17.81 -6.28
C VAL G 38 8.57 -18.65 -6.12
N ALA G 39 9.38 -18.73 -7.18
CA ALA G 39 10.64 -19.46 -7.13
C ALA G 39 11.60 -18.90 -6.08
N SER G 40 11.75 -17.58 -6.04
CA SER G 40 12.63 -16.96 -5.04
C SER G 40 12.23 -17.32 -3.61
N LEU G 41 10.94 -17.25 -3.29
CA LEU G 41 10.48 -17.66 -1.97
C LEU G 41 10.72 -19.13 -1.71
N VAL G 42 10.37 -19.98 -2.67
CA VAL G 42 10.42 -21.42 -2.46
C VAL G 42 11.85 -21.90 -2.27
N ILE G 43 12.78 -21.52 -3.16
CA ILE G 43 14.14 -22.00 -3.02
C ILE G 43 14.78 -21.46 -1.75
N ALA G 44 14.42 -20.23 -1.36
CA ALA G 44 14.95 -19.64 -0.14
C ALA G 44 14.49 -20.39 1.11
N GLN G 45 13.22 -20.78 1.19
CA GLN G 45 12.77 -21.58 2.32
C GLN G 45 13.48 -22.93 2.37
N LEU G 46 13.71 -23.53 1.22
CA LEU G 46 14.36 -24.83 1.15
C LEU G 46 15.80 -24.77 1.63
N LEU G 47 16.56 -23.79 1.15
CA LEU G 47 17.95 -23.65 1.56
C LEU G 47 18.06 -23.36 3.04
N PHE G 48 17.15 -22.56 3.56
CA PHE G 48 17.15 -22.27 4.98
C PHE G 48 16.88 -23.53 5.82
N LEU G 49 15.89 -24.33 5.42
CA LEU G 49 15.53 -25.51 6.21
C LEU G 49 16.61 -26.58 6.16
N GLN G 50 17.34 -26.67 5.07
CA GLN G 50 18.50 -27.57 5.05
C GLN G 50 19.55 -27.11 6.03
N SER G 51 19.81 -25.81 6.08
CA SER G 51 20.77 -25.29 7.04
C SER G 51 20.33 -25.57 8.46
N GLU G 52 19.02 -25.57 8.70
CA GLU G 52 18.53 -25.92 10.03
C GLU G 52 18.89 -27.37 10.38
N SER G 53 18.55 -28.31 9.51
CA SER G 53 18.91 -29.71 9.73
C SER G 53 18.97 -30.42 8.39
N ASN G 54 19.71 -31.53 8.36
CA ASN G 54 19.89 -32.35 7.17
C ASN G 54 19.16 -33.68 7.27
N LYS G 55 18.31 -33.87 8.27
CA LYS G 55 17.68 -35.16 8.46
C LYS G 55 16.17 -35.12 8.29
N LYS G 56 15.49 -34.25 9.02
CA LYS G 56 14.04 -34.20 8.97
C LYS G 56 13.58 -33.71 7.60
N PRO G 57 12.47 -34.24 7.09
CA PRO G 57 12.04 -33.91 5.74
C PRO G 57 11.37 -32.54 5.63
N ILE G 58 11.13 -32.15 4.38
CA ILE G 58 10.44 -30.92 4.05
C ILE G 58 9.11 -31.29 3.43
N HIS G 59 8.03 -30.73 3.95
CA HIS G 59 6.69 -31.03 3.46
C HIS G 59 6.27 -29.96 2.47
N MET G 60 5.99 -30.37 1.26
CA MET G 60 5.74 -29.46 0.16
C MET G 60 4.30 -29.62 -0.31
N TYR G 61 3.52 -28.56 -0.20
CA TYR G 61 2.14 -28.57 -0.66
C TYR G 61 2.07 -27.89 -2.02
N ILE G 62 1.65 -28.64 -3.03
CA ILE G 62 1.62 -28.15 -4.42
C ILE G 62 0.18 -27.92 -4.83
N ASN G 63 -0.09 -26.72 -5.32
CA ASN G 63 -1.39 -26.43 -5.92
C ASN G 63 -1.16 -25.32 -6.94
N SER G 64 -0.94 -25.71 -8.19
CA SER G 64 -0.48 -24.71 -9.16
C SER G 64 -1.10 -24.91 -10.53
N PRO G 65 -1.86 -23.93 -11.02
CA PRO G 65 -2.43 -24.05 -12.35
C PRO G 65 -1.41 -24.19 -13.46
N GLY G 66 -0.22 -23.62 -13.29
CA GLY G 66 0.76 -23.63 -14.36
C GLY G 66 2.06 -23.02 -13.88
N GLY G 67 3.03 -23.00 -14.77
CA GLY G 67 4.30 -22.43 -14.36
C GLY G 67 5.29 -22.09 -15.44
N VAL G 68 6.13 -21.11 -15.16
CA VAL G 68 7.27 -20.83 -16.01
C VAL G 68 8.21 -22.03 -16.00
N VAL G 69 8.63 -22.47 -17.18
CA VAL G 69 9.36 -23.73 -17.29
C VAL G 69 10.69 -23.68 -16.55
N THR G 70 11.46 -22.61 -16.77
CA THR G 70 12.73 -22.46 -16.07
C THR G 70 12.58 -22.16 -14.59
N ALA G 71 11.48 -21.55 -14.17
CA ALA G 71 11.22 -21.43 -12.75
C ALA G 71 11.02 -22.79 -12.09
N GLY G 72 10.17 -23.63 -12.67
CA GLY G 72 9.97 -24.95 -12.09
C GLY G 72 11.22 -25.80 -12.06
N LEU G 73 12.06 -25.68 -13.08
CA LEU G 73 13.34 -26.37 -13.07
C LEU G 73 14.23 -25.88 -11.94
N ALA G 74 14.26 -24.57 -11.73
CA ALA G 74 15.02 -24.01 -10.62
C ALA G 74 14.58 -24.56 -9.28
N ILE G 75 13.30 -24.85 -9.13
CA ILE G 75 12.86 -25.52 -7.92
C ILE G 75 13.34 -26.96 -7.91
N TYR G 76 13.27 -27.63 -9.05
CA TYR G 76 13.56 -29.06 -9.09
C TYR G 76 15.02 -29.35 -8.78
N ASP G 77 15.95 -28.61 -9.39
CA ASP G 77 17.34 -28.90 -9.10
C ASP G 77 17.72 -28.45 -7.70
N THR G 78 17.01 -27.45 -7.17
CA THR G 78 17.13 -27.14 -5.75
C THR G 78 16.56 -28.27 -4.90
N MET G 79 15.44 -28.85 -5.35
CA MET G 79 14.88 -30.04 -4.72
C MET G 79 15.91 -31.15 -4.66
N GLN G 80 16.48 -31.49 -5.82
CA GLN G 80 17.44 -32.58 -5.93
C GLN G 80 18.81 -32.25 -5.36
N TYR G 81 19.12 -30.97 -5.16
CA TYR G 81 20.39 -30.60 -4.56
C TYR G 81 20.45 -30.87 -3.06
N ILE G 82 19.36 -30.58 -2.36
CA ILE G 82 19.34 -30.69 -0.92
C ILE G 82 19.46 -32.14 -0.49
N LEU G 83 20.03 -32.35 0.70
CA LEU G 83 20.07 -33.68 1.31
C LEU G 83 18.80 -34.08 2.03
N ASN G 84 17.86 -33.17 2.21
CA ASN G 84 16.65 -33.50 2.93
C ASN G 84 15.79 -34.46 2.12
N PRO G 85 15.10 -35.40 2.76
CA PRO G 85 13.96 -36.06 2.11
C PRO G 85 12.84 -35.04 1.94
N ILE G 86 12.15 -35.09 0.81
CA ILE G 86 11.12 -34.12 0.53
C ILE G 86 9.78 -34.82 0.35
N CYS G 87 8.90 -34.66 1.33
CA CYS G 87 7.55 -35.20 1.27
C CYS G 87 6.69 -34.25 0.45
N THR G 88 6.10 -34.74 -0.64
CA THR G 88 5.37 -33.87 -1.54
C THR G 88 3.91 -34.25 -1.50
N TRP G 89 3.09 -33.32 -1.06
CA TRP G 89 1.65 -33.50 -1.00
C TRP G 89 1.01 -32.67 -2.10
N CYS G 90 0.37 -33.34 -3.05
CA CYS G 90 -0.57 -32.63 -3.91
C CYS G 90 -1.84 -32.34 -3.14
N VAL G 91 -2.33 -31.11 -3.24
CA VAL G 91 -3.70 -30.79 -2.90
C VAL G 91 -4.28 -30.00 -4.05
N GLY G 92 -5.53 -30.26 -4.38
CA GLY G 92 -6.14 -29.57 -5.49
C GLY G 92 -5.54 -29.91 -6.84
N GLN G 93 -4.89 -28.94 -7.47
CA GLN G 93 -4.40 -29.11 -8.83
C GLN G 93 -2.88 -29.04 -8.82
N ALA G 94 -2.23 -30.08 -9.33
CA ALA G 94 -0.79 -30.07 -9.59
C ALA G 94 -0.57 -30.25 -11.08
N ALA G 95 -0.42 -29.14 -11.80
CA ALA G 95 -0.42 -29.16 -13.24
C ALA G 95 0.86 -28.60 -13.84
N SER G 96 1.23 -29.15 -15.00
CA SER G 96 2.42 -28.78 -15.77
C SER G 96 3.70 -28.89 -14.93
N MET G 97 4.44 -27.81 -14.71
CA MET G 97 5.59 -27.85 -13.79
C MET G 97 5.22 -28.33 -12.41
N GLY G 98 4.00 -28.05 -11.97
CA GLY G 98 3.52 -28.65 -10.75
C GLY G 98 3.55 -30.16 -10.76
N SER G 99 3.41 -30.77 -11.94
CA SER G 99 3.58 -32.21 -12.02
C SER G 99 5.05 -32.63 -12.02
N LEU G 100 5.94 -31.81 -12.57
CA LEU G 100 7.36 -32.04 -12.34
C LEU G 100 7.71 -31.95 -10.87
N LEU G 101 7.26 -30.88 -10.20
CA LEU G 101 7.50 -30.77 -8.76
C LEU G 101 6.81 -31.87 -7.99
N LEU G 102 5.62 -32.31 -8.44
CA LEU G 102 4.99 -33.42 -7.76
C LEU G 102 5.79 -34.70 -7.91
N ALA G 103 6.24 -35.00 -9.13
CA ALA G 103 7.15 -36.13 -9.30
C ALA G 103 8.47 -35.90 -8.59
N ALA G 104 8.90 -34.64 -8.50
CA ALA G 104 10.21 -34.32 -7.93
C ALA G 104 10.34 -34.70 -6.48
N GLY G 105 9.23 -34.96 -5.80
CA GLY G 105 9.33 -35.42 -4.44
C GLY G 105 10.12 -36.70 -4.34
N THR G 106 10.68 -36.92 -3.16
CA THR G 106 11.51 -38.10 -2.98
C THR G 106 10.70 -39.35 -3.23
N PRO G 107 11.25 -40.35 -3.92
CA PRO G 107 10.52 -41.58 -4.17
C PRO G 107 10.14 -42.25 -2.86
N GLY G 108 8.94 -42.79 -2.84
CA GLY G 108 8.39 -43.38 -1.65
C GLY G 108 7.59 -42.41 -0.82
N MET G 109 7.61 -41.12 -1.15
CA MET G 109 6.97 -40.14 -0.29
C MET G 109 6.22 -39.10 -1.13
N ARG G 110 5.53 -39.54 -2.16
CA ARG G 110 4.66 -38.70 -2.98
C ARG G 110 3.20 -39.02 -2.69
N HIS G 111 2.47 -38.03 -2.19
CA HIS G 111 1.13 -38.17 -1.66
C HIS G 111 0.12 -37.33 -2.42
N SER G 112 -1.14 -37.79 -2.44
CA SER G 112 -2.26 -36.93 -2.74
C SER G 112 -3.49 -37.37 -1.96
N LEU G 113 -4.38 -36.44 -1.75
CA LEU G 113 -5.76 -36.60 -1.32
C LEU G 113 -6.66 -36.86 -2.54
N PRO G 114 -7.74 -37.62 -2.38
CA PRO G 114 -8.26 -38.37 -3.53
C PRO G 114 -8.97 -37.56 -4.60
N ASN G 115 -9.40 -36.34 -4.33
CA ASN G 115 -10.06 -35.50 -5.33
C ASN G 115 -9.14 -34.59 -6.14
N SER G 116 -7.83 -34.61 -5.94
CA SER G 116 -6.97 -33.78 -6.75
C SER G 116 -7.02 -34.14 -8.24
N ARG G 117 -6.52 -33.22 -9.07
CA ARG G 117 -6.27 -33.47 -10.49
C ARG G 117 -4.86 -33.09 -10.88
N ILE G 118 -4.33 -33.84 -11.85
CA ILE G 118 -2.94 -33.77 -12.24
C ILE G 118 -2.86 -33.70 -13.76
N MET G 119 -1.98 -32.88 -14.30
CA MET G 119 -1.77 -32.89 -15.73
C MET G 119 -0.31 -32.67 -16.06
N ILE G 120 0.25 -33.54 -16.89
CA ILE G 120 1.65 -33.44 -17.25
C ILE G 120 1.86 -32.53 -18.44
N HIS G 121 0.80 -32.24 -19.18
CA HIS G 121 0.86 -31.51 -20.43
C HIS G 121 1.47 -30.13 -20.22
N GLN G 122 1.84 -29.50 -21.33
CA GLN G 122 2.49 -28.20 -21.29
C GLN G 122 1.98 -27.29 -22.40
N ALA G 138 14.15 -21.02 -31.58
CA ALA G 138 13.09 -21.76 -30.90
C ALA G 138 13.52 -23.20 -30.67
N GLU G 139 14.70 -23.57 -31.16
CA GLU G 139 15.20 -24.90 -30.89
C GLU G 139 15.43 -25.13 -29.41
N GLU G 140 15.62 -24.06 -28.64
CA GLU G 140 15.79 -24.24 -27.21
C GLU G 140 14.49 -24.73 -26.59
N ILE G 141 13.35 -24.36 -27.17
CA ILE G 141 12.08 -24.94 -26.74
C ILE G 141 12.12 -26.44 -26.98
N MET G 142 12.69 -26.86 -28.11
CA MET G 142 12.72 -28.29 -28.38
C MET G 142 13.66 -28.96 -27.40
N LYS G 143 14.84 -28.37 -27.18
CA LYS G 143 15.72 -28.91 -26.17
C LYS G 143 15.12 -28.76 -24.78
N LEU G 144 14.32 -27.71 -24.58
CA LEU G 144 13.69 -27.51 -23.27
C LEU G 144 12.65 -28.57 -22.99
N LYS G 145 11.84 -28.90 -23.98
CA LYS G 145 10.88 -29.96 -23.77
C LYS G 145 11.57 -31.32 -23.62
N LYS G 146 12.68 -31.51 -24.33
CA LYS G 146 13.45 -32.75 -24.24
C LYS G 146 14.00 -33.00 -22.84
N GLN G 147 14.56 -31.99 -22.21
CA GLN G 147 15.11 -32.19 -20.87
C GLN G 147 14.06 -32.50 -19.81
N LEU G 148 12.83 -32.01 -19.99
CA LEU G 148 11.72 -32.45 -19.14
C LEU G 148 11.42 -33.93 -19.26
N TYR G 149 11.47 -34.46 -20.48
CA TYR G 149 11.25 -35.90 -20.68
C TYR G 149 12.21 -36.72 -19.85
N ASN G 150 13.48 -36.37 -19.84
CA ASN G 150 14.47 -37.16 -19.12
C ASN G 150 14.17 -37.17 -17.62
N ILE G 151 13.84 -36.00 -17.06
CA ILE G 151 13.59 -35.93 -15.62
C ILE G 151 12.33 -36.69 -15.24
N TYR G 152 11.29 -36.63 -16.06
CA TYR G 152 10.12 -37.44 -15.77
C TYR G 152 10.47 -38.92 -15.77
N ALA G 153 11.23 -39.36 -16.78
CA ALA G 153 11.65 -40.74 -16.88
C ALA G 153 12.48 -41.20 -15.69
N LYS G 154 13.32 -40.32 -15.15
CA LYS G 154 14.13 -40.71 -14.00
C LYS G 154 13.27 -41.07 -12.80
N HIS G 155 12.32 -40.21 -12.46
CA HIS G 155 11.55 -40.40 -11.24
C HIS G 155 10.33 -41.29 -11.44
N THR G 156 9.62 -41.16 -12.56
CA THR G 156 8.50 -42.04 -12.74
C THR G 156 8.91 -43.40 -13.26
N LYS G 157 10.16 -43.56 -13.68
CA LYS G 157 10.72 -44.80 -14.19
C LYS G 157 9.99 -45.33 -15.40
N GLN G 158 9.09 -44.56 -15.97
CA GLN G 158 8.52 -44.97 -17.24
C GLN G 158 9.49 -44.61 -18.35
N SER G 159 9.48 -45.41 -19.41
CA SER G 159 10.40 -45.24 -20.51
C SER G 159 10.09 -43.96 -21.30
N LEU G 160 11.01 -43.60 -22.18
CA LEU G 160 10.92 -42.33 -22.90
C LEU G 160 9.70 -42.27 -23.79
N GLN G 161 9.39 -43.35 -24.51
CA GLN G 161 8.25 -43.31 -25.40
C GLN G 161 6.94 -43.19 -24.62
N VAL G 162 6.86 -43.83 -23.46
CA VAL G 162 5.66 -43.74 -22.64
C VAL G 162 5.41 -42.30 -22.21
N ILE G 163 6.44 -41.65 -21.67
CA ILE G 163 6.29 -40.29 -21.20
C ILE G 163 6.11 -39.31 -22.34
N GLU G 164 6.79 -39.54 -23.46
CA GLU G 164 6.64 -38.63 -24.59
C GLU G 164 5.22 -38.59 -25.09
N SER G 165 4.57 -39.74 -25.20
CA SER G 165 3.18 -39.75 -25.63
C SER G 165 2.28 -39.12 -24.58
N ALA G 166 2.57 -39.38 -23.31
CA ALA G 166 1.66 -38.95 -22.26
C ALA G 166 1.66 -37.44 -22.11
N MET G 167 2.83 -36.81 -22.16
CA MET G 167 2.85 -35.35 -22.09
C MET G 167 2.11 -34.72 -23.25
N GLU G 168 2.14 -35.36 -24.41
CA GLU G 168 1.45 -34.83 -25.56
C GLU G 168 -0.07 -34.87 -25.43
N ARG G 169 -0.60 -35.66 -24.51
CA ARG G 169 -2.04 -35.84 -24.41
C ARG G 169 -2.60 -34.75 -23.50
N ASP G 170 -3.35 -33.83 -24.09
CA ASP G 170 -3.96 -32.72 -23.35
C ASP G 170 -5.16 -33.27 -22.59
N ARG G 171 -4.89 -33.80 -21.40
CA ARG G 171 -5.94 -34.40 -20.59
C ARG G 171 -5.48 -34.43 -19.15
N TYR G 172 -6.32 -33.91 -18.27
CA TYR G 172 -6.12 -34.08 -16.84
C TYR G 172 -6.30 -35.53 -16.44
N MET G 173 -5.37 -36.07 -15.67
CA MET G 173 -5.53 -37.44 -15.20
C MET G 173 -6.06 -37.45 -13.78
N SER G 174 -6.84 -38.48 -13.47
CA SER G 174 -7.27 -38.73 -12.11
C SER G 174 -6.07 -39.22 -11.31
N PRO G 175 -6.09 -39.03 -9.99
CA PRO G 175 -4.96 -39.52 -9.19
C PRO G 175 -4.72 -40.99 -9.33
N MET G 176 -5.78 -41.79 -9.51
CA MET G 176 -5.58 -43.22 -9.64
C MET G 176 -4.88 -43.56 -10.94
N GLU G 177 -5.13 -42.80 -11.99
CA GLU G 177 -4.37 -42.99 -13.21
C GLU G 177 -2.94 -42.51 -13.04
N ALA G 178 -2.73 -41.41 -12.33
CA ALA G 178 -1.38 -40.96 -12.05
C ALA G 178 -0.62 -41.96 -11.18
N GLN G 179 -1.30 -42.68 -10.29
CA GLN G 179 -0.63 -43.65 -9.44
C GLN G 179 -0.12 -44.87 -10.18
N GLU G 180 -0.88 -45.38 -11.14
CA GLU G 180 -0.35 -46.45 -11.97
C GLU G 180 0.72 -45.96 -12.92
N PHE G 181 0.62 -44.70 -13.34
CA PHE G 181 1.66 -44.08 -14.15
C PHE G 181 2.93 -43.84 -13.33
N GLY G 182 2.84 -43.89 -12.00
CA GLY G 182 3.98 -43.83 -11.11
C GLY G 182 4.30 -42.49 -10.49
N ILE G 183 3.55 -41.44 -10.83
CA ILE G 183 3.87 -40.11 -10.33
C ILE G 183 3.69 -40.05 -8.83
N LEU G 184 2.67 -40.70 -8.29
CA LEU G 184 2.41 -40.72 -6.86
C LEU G 184 2.78 -42.08 -6.26
N ASP G 185 3.38 -42.06 -5.08
CA ASP G 185 3.49 -43.29 -4.32
C ASP G 185 2.16 -43.65 -3.69
N LYS G 186 1.54 -42.69 -3.01
CA LYS G 186 0.34 -43.00 -2.24
C LYS G 186 -0.73 -41.98 -2.59
N VAL G 187 -1.93 -42.46 -2.84
CA VAL G 187 -3.14 -41.66 -2.77
C VAL G 187 -3.80 -41.98 -1.44
N LEU G 188 -4.12 -40.95 -0.67
CA LEU G 188 -4.50 -41.11 0.71
C LEU G 188 -5.98 -40.90 0.89
N VAL G 189 -6.64 -41.92 1.42
CA VAL G 189 -8.01 -41.80 1.90
C VAL G 189 -7.92 -41.88 3.43
N HIS G 190 -8.34 -40.81 4.10
CA HIS G 190 -8.42 -40.71 5.55
C HIS G 190 -7.19 -41.31 6.26
N PRO G 191 -5.98 -40.79 6.01
CA PRO G 191 -4.82 -41.21 6.80
C PRO G 191 -5.05 -41.12 8.30
#